data_4V1R
#
_entry.id   4V1R
#
_cell.length_a   81.695
_cell.length_b   120.743
_cell.length_c   126.161
_cell.angle_alpha   90.00
_cell.angle_beta   90.00
_cell.angle_gamma   90.00
#
_symmetry.space_group_name_H-M   'P 2 21 21'
#
loop_
_entity.id
_entity.type
_entity.pdbx_description
1 polymer ALPHA-1,6-MANNANASE
2 non-polymer 'S,R MESO-TARTARIC ACID'
3 non-polymer 1,2-ETHANEDIOL
4 water water
#
_entity_poly.entity_id   1
_entity_poly.type   'polypeptide(L)'
_entity_poly.pdbx_seq_one_letter_code
;(MSE)IRISNKIKTLLA(MSE)LSFVQVTSGCDATVQDIIIDTDPGVEIGNNDYYTWCKETLSVIDKDLKISGTHSYYEN
QDRSQVSFIWGNIFLLYTYTEGISLSKSEWSDAL(MSE)NCFLNFDNYWHPNYKGIAGYATLPTSAEKVPDRFYDENGWT
AIGLCDAYLATQNNSYLEKAKGALAFSLSGEDNVLGGGIYFQETFVSLPVQKNTICSAVT(MSE)LSC(MSE)KLYEITQ
DRQYLDAAIRINDWTVENLLDKSDNLLWDAK(MSE)VADGSVNTQKWSYNAGF(MSE)IRSWLK(MSE)YQATKDEKYLS
QAKATLASSEAKWYNSINGALNDPGYFAFSIIDSWFD(MSE)YDTDKNTVWLTKAFHAINFIHNKLRDGNGRYPEHWGTP
TTSNLEKYDLRFSTVAAY(MSE)Y(MSE)RAANYKRILND
;
_entity_poly.pdbx_strand_id   A,B
#
loop_
_chem_comp.id
_chem_comp.type
_chem_comp.name
_chem_comp.formula
EDO non-polymer 1,2-ETHANEDIOL 'C2 H6 O2'
SRT non-polymer 'S,R MESO-TARTARIC ACID' 'C4 H6 O6'
#
# COMPACT_ATOMS: atom_id res chain seq x y z
N ASP A 36 -25.94 -27.92 0.52
CA ASP A 36 -25.77 -26.76 -0.40
C ASP A 36 -26.14 -25.48 0.34
N PRO A 37 -25.24 -24.47 0.29
CA PRO A 37 -25.64 -23.14 0.77
C PRO A 37 -26.76 -22.54 -0.10
N GLY A 38 -26.87 -22.98 -1.36
CA GLY A 38 -27.91 -22.52 -2.28
C GLY A 38 -29.31 -22.60 -1.68
N VAL A 39 -29.58 -23.69 -0.96
CA VAL A 39 -30.87 -23.88 -0.32
C VAL A 39 -31.08 -22.80 0.73
N GLU A 40 -30.03 -22.49 1.48
CA GLU A 40 -30.10 -21.50 2.52
C GLU A 40 -30.19 -20.07 1.95
N ILE A 41 -29.41 -19.80 0.91
CA ILE A 41 -29.47 -18.47 0.28
C ILE A 41 -30.84 -18.23 -0.36
N GLY A 42 -31.36 -19.26 -1.04
CA GLY A 42 -32.63 -19.13 -1.74
C GLY A 42 -32.65 -17.92 -2.66
N ASN A 43 -33.67 -17.09 -2.50
CA ASN A 43 -33.81 -15.82 -3.20
C ASN A 43 -33.51 -14.64 -2.28
N ASN A 44 -32.76 -14.86 -1.19
CA ASN A 44 -32.48 -13.79 -0.24
C ASN A 44 -31.53 -12.74 -0.80
N ASP A 45 -31.99 -11.50 -0.80
CA ASP A 45 -31.24 -10.42 -1.40
C ASP A 45 -30.46 -9.71 -0.30
N TYR A 46 -29.35 -10.32 0.10
CA TYR A 46 -28.53 -9.79 1.21
C TYR A 46 -28.06 -8.37 0.94
N TYR A 47 -27.75 -8.06 -0.31
CA TYR A 47 -27.24 -6.76 -0.69
C TYR A 47 -28.30 -5.69 -0.40
N THR A 48 -29.54 -5.97 -0.81
CA THR A 48 -30.65 -5.09 -0.46
C THR A 48 -30.90 -5.00 1.02
N TRP A 49 -30.81 -6.12 1.74
CA TRP A 49 -31.01 -6.09 3.17
C TRP A 49 -29.98 -5.14 3.84
N CYS A 50 -28.75 -5.18 3.37
CA CYS A 50 -27.70 -4.29 3.87
C CYS A 50 -28.09 -2.83 3.64
N LYS A 51 -28.44 -2.50 2.40
CA LYS A 51 -28.83 -1.12 2.08
C LYS A 51 -30.03 -0.64 2.89
N GLU A 52 -31.01 -1.51 3.10
CA GLU A 52 -32.17 -1.16 3.89
C GLU A 52 -31.77 -0.85 5.30
N THR A 53 -30.87 -1.68 5.85
CA THR A 53 -30.41 -1.52 7.21
C THR A 53 -29.65 -0.19 7.36
N LEU A 54 -28.75 0.09 6.42
CA LEU A 54 -27.99 1.36 6.42
C LEU A 54 -28.93 2.60 6.33
N SER A 55 -30.01 2.46 5.55
CA SER A 55 -30.99 3.53 5.43
CA SER A 55 -30.99 3.54 5.43
C SER A 55 -31.66 3.86 6.76
N VAL A 56 -32.04 2.82 7.50
CA VAL A 56 -32.65 2.99 8.80
C VAL A 56 -31.66 3.53 9.82
N ILE A 57 -30.43 2.99 9.81
CA ILE A 57 -29.39 3.56 10.67
C ILE A 57 -29.20 5.07 10.44
N ASP A 58 -29.11 5.46 9.19
CA ASP A 58 -28.90 6.88 8.86
C ASP A 58 -30.09 7.72 9.34
N LYS A 59 -31.30 7.24 9.09
CA LYS A 59 -32.50 7.94 9.54
CA LYS A 59 -32.49 7.94 9.54
C LYS A 59 -32.47 8.14 11.04
N ASP A 60 -32.23 7.06 11.82
CA ASP A 60 -32.29 7.12 13.26
C ASP A 60 -31.11 7.83 13.93
N LEU A 61 -29.90 7.62 13.39
CA LEU A 61 -28.69 7.94 14.12
C LEU A 61 -27.66 8.84 13.43
N LYS A 62 -27.73 9.04 12.12
CA LYS A 62 -26.77 9.96 11.49
C LYS A 62 -27.05 11.36 11.97
N ILE A 63 -26.01 12.09 12.33
CA ILE A 63 -26.16 13.44 12.84
C ILE A 63 -26.35 14.35 11.65
N SER A 64 -27.50 15.03 11.63
CA SER A 64 -27.89 15.85 10.49
C SER A 64 -26.77 16.74 10.01
N GLY A 65 -26.53 16.71 8.70
CA GLY A 65 -25.51 17.54 8.09
C GLY A 65 -24.06 17.05 8.25
N THR A 66 -23.88 15.84 8.75
CA THR A 66 -22.54 15.30 9.01
C THR A 66 -22.43 13.90 8.45
N HIS A 67 -21.24 13.30 8.56
CA HIS A 67 -21.09 11.85 8.37
C HIS A 67 -20.73 11.17 9.69
N SER A 68 -21.22 11.73 10.79
CA SER A 68 -21.06 11.19 12.12
C SER A 68 -22.40 10.65 12.60
N TYR A 69 -22.34 9.90 13.68
CA TYR A 69 -23.50 9.18 14.21
C TYR A 69 -23.67 9.45 15.68
N TYR A 70 -24.94 9.55 16.11
CA TYR A 70 -25.23 9.53 17.52
C TYR A 70 -25.06 8.12 18.14
N GLU A 71 -24.85 8.07 19.45
CA GLU A 71 -24.69 6.79 20.15
C GLU A 71 -25.98 6.00 20.24
N ASN A 72 -27.09 6.68 20.53
CA ASN A 72 -28.32 5.95 20.82
C ASN A 72 -29.55 6.80 20.52
N GLN A 73 -30.73 6.23 20.79
CA GLN A 73 -32.01 6.86 20.51
C GLN A 73 -32.22 8.22 21.17
N ASP A 74 -31.45 8.54 22.19
CA ASP A 74 -31.55 9.88 22.82
C ASP A 74 -30.96 10.99 21.94
N ARG A 75 -30.11 10.60 20.98
CA ARG A 75 -29.49 11.53 20.06
C ARG A 75 -28.90 12.74 20.82
N SER A 76 -28.15 12.44 21.85
CA SER A 76 -27.57 13.49 22.69
C SER A 76 -26.05 13.47 22.87
N GLN A 77 -25.40 12.43 22.33
CA GLN A 77 -23.95 12.25 22.45
CA GLN A 77 -23.96 12.30 22.43
C GLN A 77 -23.49 11.71 21.09
N VAL A 78 -22.33 12.13 20.62
CA VAL A 78 -21.72 11.47 19.47
CA VAL A 78 -21.70 11.46 19.47
C VAL A 78 -21.38 10.03 19.87
N SER A 79 -21.55 9.11 18.92
CA SER A 79 -21.27 7.70 19.12
C SER A 79 -19.85 7.42 19.57
N PHE A 80 -19.71 6.43 20.45
CA PHE A 80 -18.41 5.82 20.69
C PHE A 80 -17.90 5.23 19.40
N ILE A 81 -16.60 5.06 19.30
CA ILE A 81 -16.01 4.65 18.03
C ILE A 81 -16.55 3.28 17.58
N TRP A 82 -16.82 2.38 18.51
CA TRP A 82 -17.14 0.98 18.16
C TRP A 82 -18.21 0.80 17.11
N GLY A 83 -19.39 1.43 17.27
CA GLY A 83 -20.44 1.26 16.25
C GLY A 83 -20.03 1.77 14.88
N ASN A 84 -19.13 2.75 14.85
CA ASN A 84 -18.60 3.22 13.57
C ASN A 84 -17.68 2.23 12.90
N ILE A 85 -17.02 1.41 13.73
CA ILE A 85 -16.14 0.37 13.18
C ILE A 85 -16.92 -0.65 12.35
N PHE A 86 -18.11 -1.01 12.79
CA PHE A 86 -18.96 -1.89 11.98
C PHE A 86 -19.35 -1.21 10.65
N LEU A 87 -19.54 0.11 10.67
CA LEU A 87 -19.81 0.83 9.39
C LEU A 87 -18.60 0.77 8.48
N LEU A 88 -17.42 1.03 9.07
CA LEU A 88 -16.18 0.90 8.30
C LEU A 88 -16.06 -0.47 7.64
N TYR A 89 -16.32 -1.53 8.41
CA TYR A 89 -16.26 -2.87 7.89
C TYR A 89 -17.26 -3.07 6.77
N THR A 90 -18.46 -2.52 6.95
CA THR A 90 -19.52 -2.69 5.92
C THR A 90 -19.15 -2.02 4.60
N TYR A 91 -18.69 -0.78 4.67
CA TYR A 91 -18.37 -0.06 3.44
C TYR A 91 -17.18 -0.70 2.73
N THR A 92 -16.24 -1.17 3.52
CA THR A 92 -15.07 -1.84 2.99
C THR A 92 -15.47 -3.10 2.24
N GLU A 93 -16.30 -3.93 2.85
CA GLU A 93 -16.80 -5.12 2.18
C GLU A 93 -17.61 -4.74 0.94
N GLY A 94 -18.33 -3.62 0.99
CA GLY A 94 -19.10 -3.10 -0.14
C GLY A 94 -18.26 -2.89 -1.39
N ILE A 95 -17.00 -2.54 -1.20
CA ILE A 95 -16.08 -2.36 -2.33
C ILE A 95 -16.02 -3.64 -3.18
N SER A 96 -16.09 -4.82 -2.55
CA SER A 96 -16.06 -6.10 -3.27
C SER A 96 -17.28 -6.33 -4.12
N LEU A 97 -18.41 -5.74 -3.71
CA LEU A 97 -19.62 -5.77 -4.51
C LEU A 97 -19.65 -4.71 -5.60
N SER A 98 -19.24 -3.50 -5.27
CA SER A 98 -19.17 -2.44 -6.28
C SER A 98 -18.26 -1.33 -5.79
N LYS A 99 -17.10 -1.20 -6.43
CA LYS A 99 -16.16 -0.13 -6.08
C LYS A 99 -16.80 1.23 -6.25
N SER A 100 -17.51 1.44 -7.35
CA SER A 100 -18.12 2.74 -7.61
C SER A 100 -19.25 3.07 -6.64
N GLU A 101 -19.98 2.08 -6.17
CA GLU A 101 -21.05 2.35 -5.26
C GLU A 101 -20.56 2.71 -3.84
N TRP A 102 -19.41 2.16 -3.43
CA TRP A 102 -19.02 2.19 -2.00
C TRP A 102 -17.77 2.98 -1.68
N SER A 103 -17.02 3.40 -2.72
CA SER A 103 -15.74 4.09 -2.48
C SER A 103 -15.87 5.41 -1.76
N ASP A 104 -16.82 6.23 -2.18
CA ASP A 104 -17.07 7.50 -1.50
C ASP A 104 -17.56 7.31 -0.07
N ALA A 105 -18.45 6.34 0.14
CA ALA A 105 -18.96 6.07 1.47
C ALA A 105 -17.82 5.63 2.42
N LEU A 106 -16.92 4.81 1.91
CA LEU A 106 -15.76 4.38 2.68
C LEU A 106 -14.88 5.58 3.02
N MSE A 107 -14.61 6.45 2.05
CA MSE A 107 -13.75 7.62 2.31
CA MSE A 107 -13.76 7.63 2.30
C MSE A 107 -14.41 8.55 3.29
O MSE A 107 -13.74 9.09 4.19
CB MSE A 107 -13.42 8.35 1.00
CB MSE A 107 -13.41 8.31 0.97
CG MSE A 107 -12.71 9.67 1.25
CG MSE A 107 -12.59 9.59 1.15
SE MSE A 107 -10.97 9.50 2.17
SE MSE A 107 -11.76 10.06 -0.58
CE MSE A 107 -10.02 8.57 0.74
CE MSE A 107 -10.84 8.41 -1.14
N ASN A 108 -15.72 8.77 3.18
CA ASN A 108 -16.41 9.67 4.14
C ASN A 108 -16.37 9.09 5.56
N CYS A 109 -16.44 7.78 5.65
CA CYS A 109 -16.35 7.10 6.94
C CYS A 109 -14.92 7.28 7.52
N PHE A 110 -13.93 7.06 6.68
CA PHE A 110 -12.53 7.27 7.07
C PHE A 110 -12.29 8.69 7.59
N LEU A 111 -12.86 9.67 6.90
CA LEU A 111 -12.74 11.07 7.31
C LEU A 111 -13.49 11.34 8.62
N ASN A 112 -14.59 10.61 8.87
CA ASN A 112 -15.24 10.70 10.18
C ASN A 112 -14.35 10.09 11.27
N PHE A 113 -13.67 8.98 10.96
CA PHE A 113 -12.73 8.39 11.92
C PHE A 113 -11.63 9.38 12.28
N ASP A 114 -11.25 10.25 11.35
CA ASP A 114 -10.25 11.28 11.69
C ASP A 114 -10.68 12.14 12.88
N ASN A 115 -11.98 12.31 13.08
CA ASN A 115 -12.48 13.04 14.26
C ASN A 115 -12.10 12.36 15.57
N TYR A 116 -11.92 11.03 15.54
CA TYR A 116 -11.55 10.22 16.70
C TYR A 116 -10.05 10.03 16.86
N TRP A 117 -9.26 10.46 15.87
CA TRP A 117 -7.80 10.26 15.91
C TRP A 117 -7.13 11.31 16.76
N HIS A 118 -6.28 10.85 17.67
CA HIS A 118 -5.42 11.76 18.44
C HIS A 118 -4.00 11.65 17.93
N PRO A 119 -3.44 12.76 17.43
CA PRO A 119 -2.11 12.62 16.80
C PRO A 119 -0.96 12.53 17.77
N ASN A 120 -1.19 12.85 19.04
CA ASN A 120 -0.13 12.75 20.05
C ASN A 120 -0.64 13.06 21.43
N TYR A 121 -0.88 12.01 22.20
CA TYR A 121 -1.19 12.14 23.60
C TYR A 121 -0.15 11.36 24.35
N LYS A 122 0.56 12.09 25.21
CA LYS A 122 1.66 11.52 26.01
C LYS A 122 2.60 10.68 25.19
N GLY A 123 2.91 11.17 23.99
CA GLY A 123 3.95 10.60 23.18
C GLY A 123 3.57 9.66 22.08
N ILE A 124 2.28 9.34 21.93
CA ILE A 124 1.89 8.39 20.89
C ILE A 124 0.49 8.73 20.34
N ALA A 125 0.35 8.51 19.05
CA ALA A 125 -0.90 8.73 18.34
C ALA A 125 -1.78 7.49 18.46
N GLY A 126 -3.09 7.70 18.35
CA GLY A 126 -4.02 6.58 18.32
C GLY A 126 -5.44 7.07 18.41
N TYR A 127 -6.38 6.20 18.07
CA TYR A 127 -7.79 6.55 18.13
C TYR A 127 -8.31 6.58 19.54
N ALA A 128 -9.19 7.53 19.81
CA ALA A 128 -9.94 7.62 21.03
C ALA A 128 -11.36 7.08 20.88
N THR A 129 -11.98 6.84 22.01
CA THR A 129 -13.32 6.23 22.04
C THR A 129 -14.38 7.28 21.59
N LEU A 130 -14.08 8.55 21.80
CA LEU A 130 -14.95 9.64 21.38
C LEU A 130 -14.15 10.66 20.58
N PRO A 131 -14.83 11.54 19.83
CA PRO A 131 -14.10 12.54 19.07
C PRO A 131 -13.17 13.37 19.94
N THR A 132 -12.02 13.70 19.38
CA THR A 132 -10.95 14.32 20.17
C THR A 132 -10.13 15.21 19.23
N SER A 133 -9.13 15.88 19.79
CA SER A 133 -8.22 16.67 18.96
C SER A 133 -6.91 16.84 19.72
N ALA A 134 -5.93 17.40 19.05
CA ALA A 134 -4.54 17.40 19.55
C ALA A 134 -4.39 18.09 20.90
N GLU A 135 -5.29 19.01 21.19
CA GLU A 135 -5.20 19.80 22.44
CA GLU A 135 -5.21 19.82 22.40
C GLU A 135 -6.04 19.25 23.57
N LYS A 136 -6.72 18.12 23.35
CA LYS A 136 -7.58 17.53 24.36
C LYS A 136 -7.02 16.23 24.90
N VAL A 137 -7.44 15.86 26.11
CA VAL A 137 -7.04 14.60 26.73
C VAL A 137 -8.03 13.51 26.25
N PRO A 138 -7.52 12.48 25.56
CA PRO A 138 -8.43 11.44 25.03
C PRO A 138 -8.57 10.27 25.99
N ASP A 139 -9.62 9.48 25.78
CA ASP A 139 -9.81 8.22 26.50
C ASP A 139 -9.58 7.13 25.45
N ARG A 140 -8.45 6.43 25.55
CA ARG A 140 -8.06 5.46 24.52
C ARG A 140 -8.00 4.04 25.03
N PHE A 141 -8.32 3.12 24.13
CA PHE A 141 -8.47 1.70 24.42
C PHE A 141 -7.66 0.90 23.40
N TYR A 142 -6.90 -0.06 23.90
CA TYR A 142 -6.02 -0.82 23.03
C TYR A 142 -6.82 -1.74 22.11
N ASP A 143 -7.96 -2.24 22.60
CA ASP A 143 -8.82 -3.07 21.76
C ASP A 143 -9.47 -2.28 20.63
N GLU A 144 -10.02 -1.11 20.95
CA GLU A 144 -10.65 -0.25 19.92
C GLU A 144 -9.69 0.03 18.75
N ASN A 145 -8.42 0.29 19.07
CA ASN A 145 -7.45 0.54 18.05
C ASN A 145 -7.17 -0.68 17.18
N GLY A 146 -7.17 -1.87 17.76
CA GLY A 146 -7.02 -3.07 16.96
C GLY A 146 -8.20 -3.42 16.09
N TRP A 147 -9.42 -3.29 16.63
CA TRP A 147 -10.60 -3.44 15.78
C TRP A 147 -10.52 -2.51 14.57
N THR A 148 -10.11 -1.27 14.82
CA THR A 148 -10.03 -0.25 13.75
C THR A 148 -8.93 -0.65 12.75
N ALA A 149 -7.77 -1.05 13.27
CA ALA A 149 -6.65 -1.48 12.42
C ALA A 149 -7.04 -2.58 11.44
N ILE A 150 -7.78 -3.58 11.91
CA ILE A 150 -8.31 -4.63 11.04
C ILE A 150 -9.10 -4.02 9.89
N GLY A 151 -10.01 -3.09 10.20
CA GLY A 151 -10.86 -2.51 9.18
C GLY A 151 -10.04 -1.70 8.18
N LEU A 152 -9.09 -0.94 8.71
CA LEU A 152 -8.25 -0.11 7.84
C LEU A 152 -7.33 -0.94 6.94
N CYS A 153 -6.81 -2.06 7.45
CA CYS A 153 -6.08 -2.98 6.59
C CYS A 153 -6.98 -3.50 5.46
N ASP A 154 -8.21 -3.90 5.79
CA ASP A 154 -9.12 -4.39 4.76
C ASP A 154 -9.47 -3.27 3.75
N ALA A 155 -9.62 -2.05 4.24
CA ALA A 155 -9.91 -0.90 3.38
C ALA A 155 -8.74 -0.67 2.41
N TYR A 156 -7.53 -0.78 2.93
CA TYR A 156 -6.35 -0.69 2.04
C TYR A 156 -6.35 -1.84 1.00
N LEU A 157 -6.59 -3.07 1.43
CA LEU A 157 -6.64 -4.18 0.49
C LEU A 157 -7.68 -3.96 -0.61
N ALA A 158 -8.79 -3.32 -0.27
CA ALA A 158 -9.87 -3.14 -1.23
C ALA A 158 -9.61 -1.98 -2.21
N THR A 159 -8.84 -0.98 -1.78
CA THR A 159 -8.75 0.29 -2.50
C THR A 159 -7.35 0.71 -2.90
N GLN A 160 -6.35 0.18 -2.20
CA GLN A 160 -4.93 0.58 -2.34
C GLN A 160 -4.66 2.02 -1.92
N ASN A 161 -5.57 2.61 -1.15
CA ASN A 161 -5.38 3.94 -0.67
C ASN A 161 -4.38 3.97 0.49
N ASN A 162 -3.27 4.66 0.29
CA ASN A 162 -2.20 4.67 1.30
C ASN A 162 -2.59 5.33 2.61
N SER A 163 -3.50 6.31 2.58
CA SER A 163 -3.89 7.00 3.81
CA SER A 163 -3.86 7.00 3.79
C SER A 163 -4.57 6.03 4.75
N TYR A 164 -5.34 5.08 4.18
CA TYR A 164 -6.00 4.05 5.03
C TYR A 164 -4.93 3.23 5.74
N LEU A 165 -3.89 2.82 5.01
CA LEU A 165 -2.88 1.99 5.63
C LEU A 165 -2.03 2.73 6.63
N GLU A 166 -1.76 4.01 6.38
CA GLU A 166 -1.02 4.82 7.35
C GLU A 166 -1.69 4.80 8.71
N LYS A 167 -3.02 4.99 8.70
CA LYS A 167 -3.77 4.90 9.95
C LYS A 167 -3.89 3.45 10.48
N ALA A 168 -3.96 2.46 9.62
CA ALA A 168 -3.95 1.07 10.08
C ALA A 168 -2.68 0.81 10.88
N LYS A 169 -1.55 1.27 10.34
CA LYS A 169 -0.27 1.09 11.03
C LYS A 169 -0.18 1.85 12.33
N GLY A 170 -0.72 3.08 12.35
CA GLY A 170 -0.73 3.91 13.53
C GLY A 170 -1.62 3.33 14.61
N ALA A 171 -2.80 2.89 14.23
CA ALA A 171 -3.70 2.23 15.19
C ALA A 171 -3.04 0.98 15.77
N LEU A 172 -2.48 0.15 14.91
CA LEU A 172 -1.86 -1.07 15.39
C LEU A 172 -0.65 -0.73 16.30
N ALA A 173 0.14 0.27 15.92
CA ALA A 173 1.25 0.69 16.79
C ALA A 173 0.74 1.11 18.17
N PHE A 174 -0.42 1.75 18.19
CA PHE A 174 -0.99 2.09 19.46
C PHE A 174 -1.36 0.83 20.27
N SER A 175 -2.05 -0.11 19.63
CA SER A 175 -2.35 -1.39 20.30
C SER A 175 -1.07 -2.07 20.85
N LEU A 176 -0.02 -2.10 20.03
CA LEU A 176 1.24 -2.77 20.40
C LEU A 176 1.94 -2.06 21.54
N SER A 177 1.67 -0.77 21.70
CA SER A 177 2.23 0.03 22.81
C SER A 177 1.60 -0.37 24.13
N GLY A 178 0.46 -1.08 24.07
CA GLY A 178 -0.15 -1.64 25.29
C GLY A 178 0.44 -2.95 25.76
N GLU A 179 1.41 -3.50 25.04
CA GLU A 179 2.06 -4.73 25.38
C GLU A 179 3.30 -4.43 26.24
N ASP A 180 3.45 -5.15 27.33
CA ASP A 180 4.69 -5.13 28.10
C ASP A 180 4.81 -6.40 28.90
N ASN A 181 5.85 -6.53 29.72
CA ASN A 181 6.06 -7.77 30.45
C ASN A 181 5.40 -7.86 31.83
N VAL A 182 4.52 -6.91 32.15
CA VAL A 182 3.64 -7.06 33.31
C VAL A 182 2.74 -8.29 33.02
N LEU A 183 2.63 -9.20 34.00
CA LEU A 183 1.99 -10.52 33.79
C LEU A 183 2.70 -11.43 32.78
N GLY A 184 3.91 -11.06 32.39
CA GLY A 184 4.71 -11.83 31.47
C GLY A 184 4.44 -11.56 30.00
N GLY A 185 3.55 -10.62 29.70
CA GLY A 185 3.14 -10.36 28.33
C GLY A 185 1.72 -9.83 28.30
N GLY A 186 1.15 -9.82 27.12
CA GLY A 186 -0.24 -9.39 26.95
C GLY A 186 -0.40 -7.88 26.93
N ILE A 187 -1.63 -7.46 26.66
CA ILE A 187 -1.93 -6.09 26.37
C ILE A 187 -3.06 -5.63 27.30
N TYR A 188 -2.83 -4.47 27.91
CA TYR A 188 -3.83 -3.83 28.78
C TYR A 188 -5.14 -3.55 28.06
N PHE A 189 -6.25 -3.56 28.80
CA PHE A 189 -7.52 -3.13 28.25
C PHE A 189 -7.45 -1.69 27.70
N GLN A 190 -6.98 -0.76 28.55
CA GLN A 190 -7.04 0.66 28.25
C GLN A 190 -5.82 1.44 28.73
N GLU A 191 -5.68 2.63 28.18
CA GLU A 191 -4.51 3.48 28.42
C GLU A 191 -4.59 4.16 29.79
N THR A 192 -5.79 4.55 30.20
CA THR A 192 -6.05 5.31 31.43
C THR A 192 -7.09 4.60 32.30
N PHE A 193 -6.62 3.70 33.16
CA PHE A 193 -7.55 3.01 34.05
C PHE A 193 -8.06 3.96 35.12
N VAL A 194 -9.37 3.98 35.35
CA VAL A 194 -9.97 4.82 36.39
C VAL A 194 -10.80 3.91 37.31
N SER A 195 -12.03 3.63 36.92
CA SER A 195 -12.89 2.76 37.75
C SER A 195 -12.67 1.26 37.50
N LEU A 196 -12.04 0.88 36.39
CA LEU A 196 -11.78 -0.53 36.15
C LEU A 196 -10.44 -0.94 36.75
N PRO A 197 -10.38 -2.15 37.31
CA PRO A 197 -9.10 -2.65 37.81
C PRO A 197 -8.15 -2.85 36.64
N VAL A 198 -6.86 -2.65 36.89
CA VAL A 198 -5.84 -2.78 35.86
C VAL A 198 -5.80 -4.26 35.42
N GLN A 199 -5.87 -4.49 34.11
CA GLN A 199 -6.07 -5.83 33.59
C GLN A 199 -5.57 -5.91 32.16
N LYS A 200 -5.22 -7.13 31.76
CA LYS A 200 -4.85 -7.46 30.39
C LYS A 200 -5.87 -8.44 29.83
N ASN A 201 -6.24 -8.26 28.55
CA ASN A 201 -7.51 -8.80 28.07
C ASN A 201 -7.36 -9.56 26.79
N THR A 202 -8.09 -10.67 26.69
CA THR A 202 -8.02 -11.51 25.51
C THR A 202 -8.35 -10.73 24.26
N ILE A 203 -9.37 -9.88 24.30
CA ILE A 203 -9.74 -9.20 23.05
C ILE A 203 -8.59 -8.31 22.56
N CYS A 204 -7.86 -7.69 23.49
CA CYS A 204 -6.69 -6.90 23.08
C CYS A 204 -5.64 -7.77 22.42
N SER A 205 -5.38 -8.97 22.98
CA SER A 205 -4.47 -9.91 22.30
C SER A 205 -4.97 -10.20 20.88
N ALA A 206 -6.24 -10.58 20.80
CA ALA A 206 -6.79 -11.17 19.61
C ALA A 206 -6.87 -10.16 18.45
N VAL A 207 -7.33 -8.94 18.71
CA VAL A 207 -7.41 -7.96 17.62
C VAL A 207 -6.02 -7.48 17.23
N THR A 208 -5.11 -7.46 18.18
CA THR A 208 -3.72 -7.09 17.87
C THR A 208 -3.06 -8.19 17.01
N MSE A 209 -3.27 -9.45 17.37
CA MSE A 209 -2.76 -10.57 16.58
C MSE A 209 -3.31 -10.53 15.14
O MSE A 209 -2.56 -10.69 14.15
CB MSE A 209 -3.11 -11.90 17.24
CG MSE A 209 -2.28 -12.16 18.46
SE MSE A 209 -3.05 -13.54 19.62
CE MSE A 209 -3.33 -14.89 18.28
N LEU A 210 -4.63 -10.31 15.00
CA LEU A 210 -5.20 -10.34 13.66
C LEU A 210 -4.69 -9.16 12.83
N SER A 211 -4.61 -7.98 13.46
CA SER A 211 -4.06 -6.80 12.79
C SER A 211 -2.62 -7.08 12.35
N CYS A 212 -1.83 -7.61 13.27
CA CYS A 212 -0.43 -7.96 12.93
C CYS A 212 -0.36 -8.89 11.73
N MSE A 213 -1.21 -9.91 11.69
CA MSE A 213 -1.18 -10.86 10.60
C MSE A 213 -1.61 -10.23 9.28
O MSE A 213 -1.03 -10.52 8.22
CB MSE A 213 -1.99 -12.10 10.92
CG MSE A 213 -1.44 -12.91 12.10
SE MSE A 213 0.46 -13.38 11.84
CE MSE A 213 0.36 -14.32 10.15
N LYS A 214 -2.60 -9.34 9.32
CA LYS A 214 -3.01 -8.62 8.11
C LYS A 214 -1.92 -7.71 7.61
N LEU A 215 -1.25 -7.00 8.53
CA LEU A 215 -0.16 -6.12 8.11
C LEU A 215 1.05 -6.92 7.66
N TYR A 216 1.21 -8.12 8.23
CA TYR A 216 2.30 -8.98 7.79
C TYR A 216 2.05 -9.38 6.35
N GLU A 217 0.82 -9.73 6.01
CA GLU A 217 0.50 -10.12 4.63
C GLU A 217 0.78 -8.97 3.67
N ILE A 218 0.47 -7.75 4.07
CA ILE A 218 0.64 -6.59 3.22
C ILE A 218 2.10 -6.20 3.09
N THR A 219 2.79 -6.11 4.22
CA THR A 219 4.11 -5.50 4.26
C THR A 219 5.23 -6.54 4.13
N GLN A 220 4.92 -7.80 4.43
CA GLN A 220 5.90 -8.89 4.53
C GLN A 220 6.99 -8.64 5.56
N ASP A 221 6.71 -7.76 6.52
CA ASP A 221 7.67 -7.43 7.54
C ASP A 221 7.47 -8.46 8.68
N ARG A 222 8.47 -9.32 8.85
CA ARG A 222 8.42 -10.37 9.84
C ARG A 222 8.20 -9.91 11.28
N GLN A 223 8.51 -8.66 11.60
CA GLN A 223 8.26 -8.17 12.95
C GLN A 223 6.77 -8.29 13.38
N TYR A 224 5.88 -8.12 12.41
CA TYR A 224 4.44 -8.32 12.68
C TYR A 224 4.11 -9.78 12.99
N LEU A 225 4.69 -10.70 12.21
CA LEU A 225 4.51 -12.12 12.45
C LEU A 225 5.05 -12.47 13.82
N ASP A 226 6.25 -12.00 14.12
CA ASP A 226 6.85 -12.29 15.41
C ASP A 226 6.03 -11.74 16.59
N ALA A 227 5.42 -10.57 16.41
CA ALA A 227 4.57 -10.01 17.45
C ALA A 227 3.34 -10.91 17.66
N ALA A 228 2.72 -11.35 16.58
CA ALA A 228 1.52 -12.19 16.70
C ALA A 228 1.87 -13.47 17.44
N ILE A 229 3.02 -14.07 17.11
CA ILE A 229 3.43 -15.31 17.77
C ILE A 229 3.69 -15.10 19.27
N ARG A 230 4.35 -14.01 19.63
CA ARG A 230 4.69 -13.71 21.02
C ARG A 230 3.41 -13.48 21.84
N ILE A 231 2.51 -12.69 21.27
CA ILE A 231 1.26 -12.39 21.96
C ILE A 231 0.41 -13.68 22.05
N ASN A 232 0.38 -14.47 20.97
CA ASN A 232 -0.38 -15.70 21.00
C ASN A 232 0.14 -16.66 22.10
N ASP A 233 1.46 -16.81 22.15
CA ASP A 233 2.06 -17.70 23.16
C ASP A 233 1.64 -17.28 24.58
N TRP A 234 1.66 -15.98 24.88
CA TRP A 234 1.20 -15.50 26.17
C TRP A 234 -0.28 -15.78 26.37
N THR A 235 -1.08 -15.49 25.36
CA THR A 235 -2.53 -15.61 25.49
C THR A 235 -2.95 -17.07 25.73
N VAL A 236 -2.35 -17.99 24.98
CA VAL A 236 -2.66 -19.41 25.13
C VAL A 236 -2.24 -19.90 26.53
N GLU A 237 -1.14 -19.40 27.04
CA GLU A 237 -0.64 -19.82 28.33
C GLU A 237 -1.47 -19.26 29.48
N ASN A 238 -2.07 -18.08 29.30
CA ASN A 238 -2.74 -17.39 30.39
C ASN A 238 -4.26 -17.35 30.34
N LEU A 239 -4.85 -17.39 29.15
CA LEU A 239 -6.28 -17.11 29.02
C LEU A 239 -7.05 -18.16 28.24
N LEU A 240 -6.39 -19.21 27.79
CA LEU A 240 -7.08 -20.30 27.12
C LEU A 240 -7.44 -21.41 28.11
N ASP A 241 -8.71 -21.79 28.12
CA ASP A 241 -9.21 -22.89 28.95
C ASP A 241 -8.98 -24.18 28.20
N LYS A 242 -8.02 -24.99 28.65
CA LYS A 242 -7.71 -26.24 27.97
C LYS A 242 -8.85 -27.28 28.03
N SER A 243 -9.81 -27.11 28.93
CA SER A 243 -10.89 -28.08 29.06
C SER A 243 -11.93 -27.98 27.92
N ASP A 244 -12.09 -26.80 27.32
CA ASP A 244 -13.03 -26.65 26.21
C ASP A 244 -12.50 -25.83 25.05
N ASN A 245 -11.23 -25.44 25.13
CA ASN A 245 -10.62 -24.58 24.12
C ASN A 245 -11.30 -23.25 23.90
N LEU A 246 -12.01 -22.77 24.92
CA LEU A 246 -12.55 -21.41 24.86
C LEU A 246 -11.64 -20.45 25.64
N LEU A 247 -11.89 -19.16 25.46
CA LEU A 247 -11.04 -18.13 26.03
C LEU A 247 -11.71 -17.49 27.20
N TRP A 248 -10.97 -17.36 28.29
CA TRP A 248 -11.36 -16.50 29.38
C TRP A 248 -11.26 -15.02 28.96
N ASP A 249 -11.77 -14.11 29.78
CA ASP A 249 -11.88 -12.72 29.36
C ASP A 249 -10.64 -11.86 29.60
N ALA A 250 -10.04 -11.97 30.78
CA ALA A 250 -8.99 -11.07 31.21
C ALA A 250 -8.27 -11.60 32.42
N LYS A 251 -7.08 -11.06 32.66
CA LYS A 251 -6.26 -11.40 33.81
C LYS A 251 -5.94 -10.10 34.54
N MSE A 252 -6.19 -10.06 35.87
CA MSE A 252 -5.99 -8.85 36.69
C MSE A 252 -4.52 -8.70 36.99
O MSE A 252 -3.80 -9.66 37.30
CB MSE A 252 -6.74 -8.94 38.03
CG MSE A 252 -8.23 -9.26 37.90
SE MSE A 252 -9.20 -7.87 36.91
CE MSE A 252 -9.60 -8.89 35.28
N VAL A 253 -4.03 -7.48 36.88
CA VAL A 253 -2.62 -7.20 37.10
C VAL A 253 -2.28 -7.26 38.60
N ALA A 254 -3.21 -6.89 39.46
CA ALA A 254 -2.90 -6.86 40.90
C ALA A 254 -2.50 -8.21 41.45
N ASP A 255 -3.25 -9.26 41.09
CA ASP A 255 -3.03 -10.57 41.70
C ASP A 255 -3.03 -11.76 40.74
N GLY A 256 -3.15 -11.49 39.43
CA GLY A 256 -3.12 -12.58 38.47
C GLY A 256 -4.42 -13.35 38.38
N SER A 257 -5.46 -12.90 39.07
CA SER A 257 -6.77 -13.56 39.01
CA SER A 257 -6.75 -13.60 39.02
C SER A 257 -7.38 -13.42 37.61
N VAL A 258 -8.09 -14.45 37.18
CA VAL A 258 -8.66 -14.46 35.84
C VAL A 258 -10.15 -14.19 35.94
N ASN A 259 -10.65 -13.29 35.10
CA ASN A 259 -12.07 -13.22 34.82
C ASN A 259 -12.44 -14.32 33.82
N THR A 260 -13.11 -15.37 34.31
CA THR A 260 -13.36 -16.57 33.52
C THR A 260 -14.63 -16.49 32.69
N GLN A 261 -15.29 -15.34 32.63
CA GLN A 261 -16.44 -15.16 31.74
C GLN A 261 -16.03 -15.46 30.32
N LYS A 262 -16.84 -16.24 29.63
CA LYS A 262 -16.55 -16.64 28.26
C LYS A 262 -17.49 -15.93 27.31
N TRP A 263 -16.91 -15.17 26.39
CA TRP A 263 -17.62 -14.39 25.40
C TRP A 263 -17.23 -14.86 24.04
N SER A 264 -18.19 -14.89 23.12
CA SER A 264 -17.99 -15.43 21.80
C SER A 264 -16.87 -14.71 21.01
N TYR A 265 -16.77 -13.40 21.16
CA TYR A 265 -15.78 -12.64 20.37
C TYR A 265 -14.33 -12.91 20.77
N ASN A 266 -14.11 -13.31 22.01
CA ASN A 266 -12.75 -13.70 22.46
C ASN A 266 -12.28 -14.97 21.76
N ALA A 267 -13.21 -15.91 21.58
CA ALA A 267 -12.95 -17.07 20.76
C ALA A 267 -12.82 -16.71 19.28
N GLY A 268 -13.81 -15.97 18.77
CA GLY A 268 -13.90 -15.65 17.36
C GLY A 268 -12.66 -14.90 16.83
N PHE A 269 -12.21 -13.87 17.53
CA PHE A 269 -11.02 -13.17 17.03
C PHE A 269 -9.76 -14.03 17.13
N MSE A 270 -9.68 -14.92 18.11
CA MSE A 270 -8.55 -15.84 18.21
C MSE A 270 -8.60 -16.82 17.06
O MSE A 270 -7.58 -17.08 16.44
CB MSE A 270 -8.47 -16.55 19.57
CG MSE A 270 -8.21 -15.61 20.73
SE MSE A 270 -6.43 -14.75 20.63
CE MSE A 270 -5.32 -16.33 20.94
N ILE A 271 -9.79 -17.33 16.71
CA ILE A 271 -9.92 -18.23 15.56
C ILE A 271 -9.44 -17.55 14.26
N ARG A 272 -9.88 -16.32 14.02
CA ARG A 272 -9.51 -15.62 12.81
C ARG A 272 -7.99 -15.43 12.76
N SER A 273 -7.42 -15.09 13.90
CA SER A 273 -5.96 -14.89 14.00
C SER A 273 -5.23 -16.20 13.71
N TRP A 274 -5.67 -17.28 14.36
CA TRP A 274 -5.00 -18.59 14.18
C TRP A 274 -5.09 -19.03 12.71
N LEU A 275 -6.21 -18.76 12.06
CA LEU A 275 -6.35 -19.11 10.64
C LEU A 275 -5.39 -18.32 9.75
N LYS A 276 -5.13 -17.07 10.07
CA LYS A 276 -4.13 -16.31 9.34
C LYS A 276 -2.73 -16.84 9.62
N MSE A 277 -2.48 -17.25 10.85
CA MSE A 277 -1.18 -17.77 11.24
C MSE A 277 -0.94 -19.09 10.55
O MSE A 277 0.20 -19.40 10.18
CB MSE A 277 -1.06 -17.88 12.77
CG MSE A 277 -1.14 -16.46 13.38
SE MSE A 277 -1.33 -16.44 15.31
CE MSE A 277 0.59 -16.58 15.75
N TYR A 278 -1.99 -19.89 10.40
CA TYR A 278 -1.90 -21.14 9.63
C TYR A 278 -1.50 -20.85 8.18
N GLN A 279 -2.19 -19.92 7.53
CA GLN A 279 -1.85 -19.56 6.13
C GLN A 279 -0.41 -19.07 6.01
N ALA A 280 0.06 -18.28 6.98
CA ALA A 280 1.42 -17.75 6.94
C ALA A 280 2.48 -18.77 7.23
N THR A 281 2.26 -19.64 8.22
CA THR A 281 3.30 -20.56 8.69
C THR A 281 3.19 -21.99 8.14
N LYS A 282 2.01 -22.36 7.62
CA LYS A 282 1.64 -23.72 7.29
C LYS A 282 1.75 -24.71 8.47
N ASP A 283 1.90 -24.23 9.70
CA ASP A 283 1.96 -25.08 10.86
C ASP A 283 0.55 -25.52 11.25
N GLU A 284 0.29 -26.83 11.14
CA GLU A 284 -1.03 -27.39 11.39
C GLU A 284 -1.55 -27.17 12.80
N LYS A 285 -0.69 -26.85 13.74
CA LYS A 285 -1.14 -26.60 15.11
C LYS A 285 -2.11 -25.42 15.16
N TYR A 286 -1.93 -24.45 14.28
CA TYR A 286 -2.83 -23.28 14.26
C TYR A 286 -4.20 -23.68 13.74
N LEU A 287 -4.23 -24.50 12.68
CA LEU A 287 -5.51 -24.96 12.17
C LEU A 287 -6.22 -25.84 13.18
N SER A 288 -5.50 -26.76 13.81
CA SER A 288 -6.15 -27.66 14.78
CA SER A 288 -6.13 -27.65 14.79
C SER A 288 -6.71 -26.86 15.95
N GLN A 289 -5.96 -25.85 16.40
CA GLN A 289 -6.47 -25.01 17.50
C GLN A 289 -7.69 -24.22 17.07
N ALA A 290 -7.62 -23.60 15.89
CA ALA A 290 -8.79 -22.89 15.37
C ALA A 290 -10.03 -23.80 15.30
N LYS A 291 -9.88 -24.98 14.74
CA LYS A 291 -11.02 -25.91 14.62
C LYS A 291 -11.58 -26.36 15.98
N ALA A 292 -10.71 -26.57 16.96
CA ALA A 292 -11.15 -27.01 18.28
C ALA A 292 -11.93 -25.89 18.97
N THR A 293 -11.38 -24.69 18.90
CA THR A 293 -12.04 -23.52 19.50
C THR A 293 -13.37 -23.22 18.77
N LEU A 294 -13.39 -23.33 17.46
CA LEU A 294 -14.61 -23.06 16.70
C LEU A 294 -15.70 -24.09 17.02
N ALA A 295 -15.33 -25.35 17.09
CA ALA A 295 -16.32 -26.40 17.45
C ALA A 295 -16.92 -26.14 18.80
N SER A 296 -16.09 -25.78 19.77
CA SER A 296 -16.56 -25.48 21.10
C SER A 296 -17.42 -24.22 21.12
N SER A 297 -17.09 -23.24 20.26
CA SER A 297 -17.88 -22.02 20.16
C SER A 297 -19.26 -22.32 19.59
N GLU A 298 -19.32 -23.16 18.56
CA GLU A 298 -20.59 -23.56 18.00
C GLU A 298 -21.43 -24.29 19.06
N ALA A 299 -20.81 -25.24 19.77
CA ALA A 299 -21.53 -26.00 20.81
C ALA A 299 -22.07 -25.07 21.89
N LYS A 300 -21.28 -24.08 22.29
CA LYS A 300 -21.68 -23.19 23.35
C LYS A 300 -22.75 -22.17 22.91
N TRP A 301 -22.56 -21.53 21.76
CA TRP A 301 -23.34 -20.35 21.37
C TRP A 301 -24.32 -20.50 20.21
N TYR A 302 -24.18 -21.50 19.38
CA TYR A 302 -24.93 -21.59 18.14
C TYR A 302 -26.01 -22.69 18.21
N ASN A 303 -27.25 -22.29 17.96
CA ASN A 303 -28.33 -23.25 17.71
C ASN A 303 -28.41 -23.40 16.20
N SER A 304 -27.92 -24.53 15.71
CA SER A 304 -27.84 -24.75 14.29
C SER A 304 -29.20 -25.06 13.67
N ILE A 305 -30.18 -25.32 14.52
CA ILE A 305 -31.52 -25.65 14.02
C ILE A 305 -32.23 -24.37 13.56
N ASN A 306 -32.30 -23.36 14.41
CA ASN A 306 -32.96 -22.11 14.03
C ASN A 306 -31.99 -21.04 13.55
N GLY A 307 -30.69 -21.21 13.83
CA GLY A 307 -29.67 -20.23 13.41
C GLY A 307 -29.30 -19.19 14.44
N ALA A 308 -29.88 -19.23 15.64
CA ALA A 308 -29.64 -18.24 16.68
C ALA A 308 -28.25 -18.37 17.27
N LEU A 309 -27.68 -17.21 17.58
CA LEU A 309 -26.41 -17.11 18.28
C LEU A 309 -26.66 -16.47 19.64
N ASN A 310 -26.34 -17.21 20.69
CA ASN A 310 -26.72 -16.83 22.05
C ASN A 310 -25.71 -15.94 22.76
N ASP A 311 -25.51 -14.74 22.20
CA ASP A 311 -24.59 -13.74 22.73
C ASP A 311 -24.99 -12.40 22.12
N PRO A 312 -24.45 -11.30 22.64
CA PRO A 312 -24.63 -10.01 21.97
C PRO A 312 -24.13 -10.09 20.56
N GLY A 313 -24.88 -9.51 19.64
CA GLY A 313 -24.55 -9.55 18.23
C GLY A 313 -23.16 -8.96 17.96
N TYR A 314 -22.87 -7.86 18.62
CA TYR A 314 -21.55 -7.19 18.45
C TYR A 314 -20.38 -8.03 18.97
N PHE A 315 -20.66 -9.19 19.60
CA PHE A 315 -19.66 -10.23 19.87
C PHE A 315 -19.81 -11.43 18.92
N ALA A 316 -21.05 -11.92 18.74
CA ALA A 316 -21.27 -13.22 18.09
C ALA A 316 -21.02 -13.19 16.60
N PHE A 317 -21.05 -11.99 15.99
CA PHE A 317 -20.75 -11.85 14.57
C PHE A 317 -19.36 -12.48 14.28
N SER A 318 -18.45 -12.47 15.27
CA SER A 318 -17.11 -12.98 15.06
C SER A 318 -17.08 -14.49 14.76
N ILE A 319 -18.08 -15.22 15.24
CA ILE A 319 -18.21 -16.64 14.92
CA ILE A 319 -18.21 -16.64 14.92
C ILE A 319 -18.59 -16.80 13.46
N ILE A 320 -19.46 -15.92 12.97
CA ILE A 320 -19.87 -15.95 11.57
C ILE A 320 -18.69 -15.61 10.67
N ASP A 321 -17.91 -14.59 11.03
CA ASP A 321 -16.70 -14.31 10.27
C ASP A 321 -15.70 -15.48 10.33
N SER A 322 -15.66 -16.20 11.45
CA SER A 322 -14.82 -17.39 11.53
C SER A 322 -15.27 -18.46 10.51
N TRP A 323 -16.58 -18.66 10.38
CA TRP A 323 -17.09 -19.57 9.37
C TRP A 323 -16.69 -19.17 7.97
N PHE A 324 -16.81 -17.88 7.62
CA PHE A 324 -16.36 -17.41 6.32
C PHE A 324 -14.87 -17.68 6.11
N ASP A 325 -14.06 -17.44 7.14
CA ASP A 325 -12.61 -17.73 7.08
C ASP A 325 -12.36 -19.24 6.89
N MSE A 326 -13.17 -20.09 7.53
CA MSE A 326 -13.02 -21.53 7.37
CA MSE A 326 -13.02 -21.53 7.37
C MSE A 326 -13.31 -21.91 5.95
O MSE A 326 -12.58 -22.70 5.35
CB MSE A 326 -13.91 -22.34 8.29
CB MSE A 326 -13.91 -22.34 8.30
CG MSE A 326 -13.35 -22.46 9.68
CG MSE A 326 -13.37 -22.43 9.71
SE MSE A 326 -11.61 -23.43 9.60
SE MSE A 326 -11.62 -23.32 9.84
CE MSE A 326 -11.57 -23.52 11.57
CE MSE A 326 -11.93 -24.93 8.76
N TYR A 327 -14.36 -21.34 5.37
CA TYR A 327 -14.64 -21.60 3.97
C TYR A 327 -13.45 -21.18 3.10
N ASP A 328 -12.90 -20.00 3.37
CA ASP A 328 -11.74 -19.54 2.63
C ASP A 328 -10.57 -20.52 2.76
N THR A 329 -10.47 -21.19 3.91
CA THR A 329 -9.38 -22.09 4.23
C THR A 329 -9.55 -23.46 3.57
N ASP A 330 -10.73 -24.06 3.66
CA ASP A 330 -10.90 -25.44 3.16
C ASP A 330 -11.91 -25.64 2.05
N LYS A 331 -12.60 -24.56 1.67
CA LYS A 331 -13.63 -24.58 0.63
C LYS A 331 -14.79 -25.53 0.88
N ASN A 332 -15.00 -25.92 2.12
CA ASN A 332 -16.15 -26.71 2.51
C ASN A 332 -17.36 -25.80 2.65
N THR A 333 -18.33 -26.05 1.81
CA THR A 333 -19.50 -25.23 1.68
C THR A 333 -20.41 -25.29 2.94
N VAL A 334 -20.23 -26.32 3.78
CA VAL A 334 -20.98 -26.40 5.03
C VAL A 334 -20.73 -25.17 5.93
N TRP A 335 -19.54 -24.57 5.83
CA TRP A 335 -19.26 -23.37 6.64
C TRP A 335 -20.16 -22.20 6.22
N LEU A 336 -20.43 -22.13 4.92
CA LEU A 336 -21.29 -21.09 4.38
C LEU A 336 -22.74 -21.34 4.72
N THR A 337 -23.15 -22.60 4.70
CA THR A 337 -24.49 -22.96 5.14
C THR A 337 -24.77 -22.49 6.56
N LYS A 338 -23.81 -22.68 7.45
CA LYS A 338 -23.96 -22.15 8.80
C LYS A 338 -24.07 -20.63 8.81
N ALA A 339 -23.18 -19.94 8.09
CA ALA A 339 -23.18 -18.46 8.08
C ALA A 339 -24.50 -17.90 7.55
N PHE A 340 -24.95 -18.40 6.41
CA PHE A 340 -26.20 -17.92 5.82
C PHE A 340 -27.38 -18.22 6.71
N HIS A 341 -27.36 -19.37 7.36
CA HIS A 341 -28.44 -19.74 8.28
C HIS A 341 -28.55 -18.75 9.41
N ALA A 342 -27.39 -18.41 10.00
CA ALA A 342 -27.38 -17.46 11.10
C ALA A 342 -27.78 -16.04 10.64
N ILE A 343 -27.32 -15.64 9.46
CA ILE A 343 -27.64 -14.29 8.95
C ILE A 343 -29.15 -14.21 8.57
N ASN A 344 -29.68 -15.29 8.00
CA ASN A 344 -31.12 -15.41 7.77
C ASN A 344 -31.94 -15.25 9.04
N PHE A 345 -31.48 -15.83 10.13
CA PHE A 345 -32.13 -15.67 11.42
C PHE A 345 -32.14 -14.21 11.88
N ILE A 346 -31.02 -13.53 11.71
CA ILE A 346 -30.94 -12.13 12.10
C ILE A 346 -32.03 -11.34 11.36
N HIS A 347 -32.15 -11.54 10.07
CA HIS A 347 -33.10 -10.78 9.25
C HIS A 347 -34.54 -11.18 9.55
N ASN A 348 -34.76 -12.47 9.57
CA ASN A 348 -36.12 -13.00 9.61
C ASN A 348 -36.72 -13.11 11.00
N LYS A 349 -35.89 -13.15 12.04
CA LYS A 349 -36.36 -13.25 13.41
C LYS A 349 -35.97 -12.12 14.33
N LEU A 350 -34.87 -11.41 14.06
CA LEU A 350 -34.44 -10.37 14.97
C LEU A 350 -34.90 -8.98 14.58
N ARG A 351 -34.96 -8.71 13.29
CA ARG A 351 -35.34 -7.40 12.81
C ARG A 351 -36.75 -7.08 13.34
N ASP A 352 -36.95 -5.90 13.90
CA ASP A 352 -38.27 -5.51 14.41
C ASP A 352 -39.12 -4.80 13.35
N GLY A 353 -40.34 -4.43 13.71
CA GLY A 353 -41.26 -3.78 12.76
C GLY A 353 -40.83 -2.42 12.24
N ASN A 354 -39.87 -1.78 12.93
CA ASN A 354 -39.24 -0.50 12.51
C ASN A 354 -37.87 -0.67 11.83
N GLY A 355 -37.50 -1.91 11.52
CA GLY A 355 -36.21 -2.20 10.87
C GLY A 355 -35.02 -2.03 11.81
N ARG A 356 -35.26 -2.14 13.11
CA ARG A 356 -34.18 -2.08 14.10
C ARG A 356 -33.83 -3.47 14.63
N TYR A 357 -32.67 -3.52 15.30
CA TYR A 357 -32.07 -4.78 15.75
C TYR A 357 -31.78 -4.76 17.23
N PRO A 358 -32.02 -5.90 17.90
CA PRO A 358 -31.75 -6.00 19.32
C PRO A 358 -30.26 -6.19 19.64
N GLU A 359 -29.90 -5.97 20.89
CA GLU A 359 -28.55 -6.19 21.38
C GLU A 359 -28.09 -7.63 21.27
N HIS A 360 -28.98 -8.56 21.65
CA HIS A 360 -28.64 -10.00 21.75
CA HIS A 360 -28.63 -9.98 21.75
C HIS A 360 -29.23 -10.76 20.57
N TRP A 361 -28.52 -11.77 20.08
CA TRP A 361 -28.94 -12.53 18.93
C TRP A 361 -29.63 -13.87 19.26
N GLY A 362 -29.91 -14.10 20.54
CA GLY A 362 -30.27 -15.45 20.99
C GLY A 362 -31.73 -15.80 20.82
N THR A 363 -32.62 -14.79 20.77
CA THR A 363 -34.09 -15.04 20.82
CA THR A 363 -34.07 -15.06 20.77
C THR A 363 -34.84 -14.16 19.81
N PRO A 364 -35.83 -14.73 19.09
CA PRO A 364 -36.60 -13.87 18.20
C PRO A 364 -37.23 -12.67 18.89
N THR A 365 -37.29 -11.58 18.12
CA THR A 365 -37.84 -10.33 18.59
C THR A 365 -39.37 -10.42 18.53
N THR A 366 -40.03 -10.04 19.62
CA THR A 366 -41.50 -10.14 19.67
C THR A 366 -42.23 -8.82 19.83
N SER A 367 -41.50 -7.75 20.10
CA SER A 367 -42.08 -6.40 20.12
C SER A 367 -41.03 -5.41 19.70
N ASN A 368 -41.49 -4.25 19.26
CA ASN A 368 -40.59 -3.23 18.75
C ASN A 368 -39.70 -2.63 19.81
N LEU A 369 -38.45 -2.38 19.43
CA LEU A 369 -37.48 -1.86 20.36
C LEU A 369 -37.70 -0.38 20.63
N GLU A 370 -37.54 0.02 21.87
CA GLU A 370 -37.62 1.42 22.25
C GLU A 370 -36.24 2.04 22.42
N LYS A 371 -35.25 1.23 22.77
CA LYS A 371 -33.90 1.69 22.96
C LYS A 371 -32.98 0.94 22.00
N TYR A 372 -31.95 1.62 21.54
CA TYR A 372 -31.00 1.04 20.62
C TYR A 372 -29.73 1.88 20.64
N ASP A 373 -28.58 1.22 20.48
CA ASP A 373 -27.30 1.89 20.25
CA ASP A 373 -27.33 1.96 20.25
C ASP A 373 -26.80 1.63 18.84
N LEU A 374 -25.88 2.45 18.38
CA LEU A 374 -25.36 2.35 17.04
C LEU A 374 -24.83 0.95 16.70
N ARG A 375 -24.23 0.24 17.64
CA ARG A 375 -23.61 -1.00 17.26
C ARG A 375 -24.62 -2.11 16.96
N PHE A 376 -25.86 -1.99 17.46
CA PHE A 376 -26.81 -3.08 17.32
C PHE A 376 -27.18 -3.30 15.86
N SER A 377 -27.45 -2.24 15.11
CA SER A 377 -27.79 -2.38 13.71
C SER A 377 -26.59 -2.37 12.76
N THR A 378 -25.52 -1.70 13.15
CA THR A 378 -24.35 -1.66 12.27
C THR A 378 -23.74 -3.05 12.10
N VAL A 379 -23.71 -3.86 13.15
CA VAL A 379 -23.19 -5.22 13.03
C VAL A 379 -24.09 -6.05 12.10
N ALA A 380 -25.41 -5.83 12.14
CA ALA A 380 -26.27 -6.53 11.20
C ALA A 380 -26.02 -6.12 9.75
N ALA A 381 -25.83 -4.82 9.51
CA ALA A 381 -25.51 -4.33 8.17
C ALA A 381 -24.24 -5.00 7.63
N TYR A 382 -23.23 -5.10 8.49
CA TYR A 382 -21.98 -5.75 8.16
C TYR A 382 -22.18 -7.20 7.75
N MSE A 383 -22.94 -7.94 8.56
CA MSE A 383 -23.28 -9.34 8.25
C MSE A 383 -23.96 -9.44 6.88
O MSE A 383 -23.61 -10.33 6.09
CB MSE A 383 -24.16 -9.96 9.35
CG MSE A 383 -23.44 -10.15 10.68
SE MSE A 383 -22.01 -11.49 10.50
CE MSE A 383 -20.47 -10.34 10.11
N TYR A 384 -24.91 -8.55 6.60
CA TYR A 384 -25.59 -8.59 5.30
C TYR A 384 -24.64 -8.37 4.13
N MSE A 385 -23.71 -7.43 4.29
CA MSE A 385 -22.74 -7.17 3.23
C MSE A 385 -21.81 -8.35 3.02
O MSE A 385 -21.53 -8.72 1.90
CB MSE A 385 -21.96 -5.89 3.49
CG MSE A 385 -21.12 -5.47 2.29
SE MSE A 385 -22.29 -4.86 0.81
CE MSE A 385 -22.51 -3.02 1.39
N ARG A 386 -21.37 -8.97 4.12
CA ARG A 386 -20.54 -10.21 4.04
C ARG A 386 -21.29 -11.33 3.31
N ALA A 387 -22.55 -11.54 3.69
CA ALA A 387 -23.39 -12.51 3.01
C ALA A 387 -23.53 -12.19 1.51
N ALA A 388 -23.76 -10.94 1.18
CA ALA A 388 -23.89 -10.52 -0.23
C ALA A 388 -22.64 -10.86 -1.00
N ASN A 389 -21.50 -10.62 -0.37
CA ASN A 389 -20.22 -10.93 -0.99
C ASN A 389 -20.07 -12.42 -1.27
N TYR A 390 -20.35 -13.25 -0.26
CA TYR A 390 -20.23 -14.71 -0.45
C TYR A 390 -21.29 -15.27 -1.40
N LYS A 391 -22.48 -14.70 -1.43
CA LYS A 391 -23.46 -15.07 -2.46
C LYS A 391 -22.89 -14.79 -3.85
N ARG A 392 -22.26 -13.64 -4.01
CA ARG A 392 -21.62 -13.26 -5.29
C ARG A 392 -20.52 -14.24 -5.66
N ILE A 393 -19.68 -14.57 -4.69
CA ILE A 393 -18.60 -15.54 -4.87
C ILE A 393 -19.13 -16.93 -5.28
N LEU A 394 -20.22 -17.36 -4.68
CA LEU A 394 -20.80 -18.65 -5.04
C LEU A 394 -21.41 -18.65 -6.43
N ASN A 395 -21.95 -17.52 -6.87
CA ASN A 395 -22.61 -17.48 -8.17
C ASN A 395 -21.71 -17.08 -9.34
N ASP A 396 -20.44 -16.77 -9.07
CA ASP A 396 -19.50 -16.29 -10.10
C ASP A 396 -19.31 -17.32 -11.20
N ASP B 36 -7.20 18.30 -26.81
CA ASP B 36 -7.62 17.07 -26.09
C ASP B 36 -6.58 15.99 -26.28
N PRO B 37 -6.13 15.37 -25.18
CA PRO B 37 -5.29 14.17 -25.32
C PRO B 37 -6.07 13.01 -25.95
N GLY B 38 -7.40 13.04 -25.83
CA GLY B 38 -8.27 12.01 -26.43
C GLY B 38 -7.99 11.76 -27.89
N VAL B 39 -7.74 12.84 -28.63
CA VAL B 39 -7.44 12.75 -30.05
C VAL B 39 -6.15 11.95 -30.23
N GLU B 40 -5.17 12.24 -29.38
CA GLU B 40 -3.86 11.62 -29.48
C GLU B 40 -3.91 10.16 -29.01
N ILE B 41 -4.65 9.89 -27.95
CA ILE B 41 -4.80 8.50 -27.49
C ILE B 41 -5.55 7.67 -28.53
N GLY B 42 -6.61 8.24 -29.10
CA GLY B 42 -7.46 7.49 -30.05
C GLY B 42 -7.91 6.15 -29.49
N ASN B 43 -7.67 5.09 -30.27
CA ASN B 43 -7.92 3.71 -29.85
C ASN B 43 -6.58 3.00 -29.54
N ASN B 44 -5.51 3.74 -29.22
CA ASN B 44 -4.22 3.15 -28.91
C ASN B 44 -4.24 2.37 -27.59
N ASP B 45 -3.87 1.10 -27.69
CA ASP B 45 -3.91 0.21 -26.53
C ASP B 45 -2.52 0.14 -25.93
N TYR B 46 -2.17 1.17 -25.17
CA TYR B 46 -0.83 1.26 -24.56
C TYR B 46 -0.49 0.07 -23.66
N TYR B 47 -1.50 -0.44 -22.96
CA TYR B 47 -1.31 -1.54 -22.03
C TYR B 47 -0.87 -2.78 -22.79
N THR B 48 -1.56 -3.09 -23.90
CA THR B 48 -1.11 -4.15 -24.78
C THR B 48 0.25 -3.92 -25.39
N TRP B 49 0.54 -2.68 -25.83
CA TRP B 49 1.83 -2.38 -26.38
C TRP B 49 2.94 -2.69 -25.37
N CYS B 50 2.70 -2.36 -24.12
CA CYS B 50 3.67 -2.67 -23.05
C CYS B 50 3.89 -4.17 -22.96
N LYS B 51 2.79 -4.92 -22.84
CA LYS B 51 2.90 -6.39 -22.72
C LYS B 51 3.59 -7.02 -23.93
N GLU B 52 3.31 -6.52 -25.12
CA GLU B 52 3.99 -7.01 -26.32
C GLU B 52 5.47 -6.77 -26.24
N THR B 53 5.84 -5.57 -25.79
CA THR B 53 7.23 -5.20 -25.72
C THR B 53 7.96 -6.10 -24.70
N LEU B 54 7.35 -6.29 -23.55
CA LEU B 54 7.92 -7.17 -22.51
C LEU B 54 8.10 -8.63 -23.02
N SER B 55 7.14 -9.08 -23.83
CA SER B 55 7.23 -10.43 -24.40
CA SER B 55 7.23 -10.43 -24.39
C SER B 55 8.46 -10.57 -25.28
N VAL B 56 8.72 -9.56 -26.13
CA VAL B 56 9.86 -9.60 -27.00
C VAL B 56 11.17 -9.47 -26.24
N ILE B 57 11.19 -8.56 -25.25
CA ILE B 57 12.37 -8.47 -24.37
C ILE B 57 12.70 -9.81 -23.72
N ASP B 58 11.69 -10.48 -23.18
CA ASP B 58 11.92 -11.76 -22.52
C ASP B 58 12.45 -12.78 -23.52
N LYS B 59 11.83 -12.85 -24.68
CA LYS B 59 12.27 -13.78 -25.72
CA LYS B 59 12.26 -13.80 -25.69
C LYS B 59 13.72 -13.56 -26.07
N ASP B 60 14.10 -12.30 -26.34
CA ASP B 60 15.44 -11.98 -26.79
C ASP B 60 16.51 -12.04 -25.68
N LEU B 61 16.16 -11.57 -24.48
CA LEU B 61 17.17 -11.25 -23.49
C LEU B 61 17.02 -11.90 -22.12
N LYS B 62 15.87 -12.46 -21.77
CA LYS B 62 15.77 -13.13 -20.46
C LYS B 62 16.65 -14.37 -20.47
N ILE B 63 17.44 -14.56 -19.43
CA ILE B 63 18.32 -15.71 -19.35
C ILE B 63 17.48 -16.91 -18.95
N SER B 64 17.48 -17.91 -19.83
CA SER B 64 16.64 -19.11 -19.63
C SER B 64 16.71 -19.63 -18.22
N GLY B 65 15.55 -19.87 -17.63
CA GLY B 65 15.46 -20.46 -16.29
C GLY B 65 15.70 -19.48 -15.13
N THR B 66 15.78 -18.19 -15.43
CA THR B 66 16.07 -17.16 -14.42
C THR B 66 15.09 -16.02 -14.54
N HIS B 67 15.21 -15.04 -13.64
CA HIS B 67 14.57 -13.74 -13.85
C HIS B 67 15.61 -12.65 -14.05
N SER B 68 16.73 -13.03 -14.64
CA SER B 68 17.79 -12.12 -15.03
C SER B 68 17.83 -11.97 -16.55
N TYR B 69 18.58 -11.00 -17.01
CA TYR B 69 18.60 -10.59 -18.41
C TYR B 69 20.03 -10.47 -18.90
N TYR B 70 20.25 -10.88 -20.17
CA TYR B 70 21.48 -10.59 -20.82
C TYR B 70 21.59 -9.10 -21.19
N GLU B 71 22.82 -8.63 -21.35
CA GLU B 71 23.06 -7.22 -21.75
C GLU B 71 22.62 -6.94 -23.18
N ASN B 72 22.94 -7.86 -24.10
CA ASN B 72 22.74 -7.52 -25.51
C ASN B 72 22.54 -8.78 -26.34
N GLN B 73 22.38 -8.60 -27.66
CA GLN B 73 22.11 -9.69 -28.61
C GLN B 73 23.14 -10.80 -28.63
N ASP B 74 24.34 -10.56 -28.11
CA ASP B 74 25.37 -11.60 -28.02
C ASP B 74 25.05 -12.65 -26.94
N ARG B 75 24.14 -12.28 -26.01
CA ARG B 75 23.73 -13.17 -24.94
C ARG B 75 24.94 -13.84 -24.27
N SER B 76 25.93 -13.05 -23.94
CA SER B 76 27.16 -13.57 -23.36
C SER B 76 27.57 -12.97 -22.00
N GLN B 77 26.85 -11.96 -21.53
CA GLN B 77 27.15 -11.30 -20.24
C GLN B 77 25.81 -11.00 -19.61
N VAL B 78 25.70 -11.15 -18.29
CA VAL B 78 24.53 -10.64 -17.58
C VAL B 78 24.47 -9.12 -17.76
N SER B 79 23.26 -8.60 -17.90
CA SER B 79 23.01 -7.17 -18.06
C SER B 79 23.59 -6.33 -16.95
N PHE B 80 24.08 -5.14 -17.33
CA PHE B 80 24.31 -4.08 -16.35
C PHE B 80 23.00 -3.75 -15.67
N ILE B 81 23.08 -3.17 -14.49
CA ILE B 81 21.85 -2.92 -13.72
C ILE B 81 20.88 -1.99 -14.45
N TRP B 82 21.39 -1.05 -15.22
CA TRP B 82 20.53 0.03 -15.80
C TRP B 82 19.30 -0.48 -16.53
N GLY B 83 19.45 -1.39 -17.50
CA GLY B 83 18.29 -1.87 -18.23
C GLY B 83 17.26 -2.57 -17.36
N ASN B 84 17.72 -3.14 -16.24
CA ASN B 84 16.80 -3.74 -15.27
C ASN B 84 16.01 -2.68 -14.49
N ILE B 85 16.58 -1.50 -14.35
CA ILE B 85 15.88 -0.40 -13.69
C ILE B 85 14.62 0.03 -14.45
N PHE B 86 14.71 0.06 -15.78
CA PHE B 86 13.51 0.33 -16.55
C PHE B 86 12.45 -0.75 -16.37
N LEU B 87 12.87 -2.00 -16.19
CA LEU B 87 11.90 -3.08 -15.91
C LEU B 87 11.26 -2.87 -14.54
N LEU B 88 12.08 -2.56 -13.55
CA LEU B 88 11.58 -2.21 -12.22
C LEU B 88 10.52 -1.10 -12.30
N TYR B 89 10.81 -0.03 -13.04
CA TYR B 89 9.88 1.05 -13.20
C TYR B 89 8.61 0.58 -13.88
N THR B 90 8.76 -0.27 -14.90
CA THR B 90 7.59 -0.77 -15.64
C THR B 90 6.67 -1.60 -14.77
N TYR B 91 7.23 -2.56 -14.03
CA TYR B 91 6.39 -3.42 -13.21
C TYR B 91 5.73 -2.62 -12.11
N THR B 92 6.48 -1.65 -11.56
CA THR B 92 5.93 -0.81 -10.50
C THR B 92 4.74 0.00 -10.99
N GLU B 93 4.87 0.61 -12.18
CA GLU B 93 3.75 1.33 -12.78
C GLU B 93 2.59 0.39 -13.07
N GLY B 94 2.91 -0.86 -13.45
CA GLY B 94 1.92 -1.90 -13.69
C GLY B 94 0.98 -2.13 -12.52
N ILE B 95 1.51 -1.96 -11.30
CA ILE B 95 0.68 -2.11 -10.10
C ILE B 95 -0.53 -1.15 -10.15
N SER B 96 -0.36 0.04 -10.71
CA SER B 96 -1.46 1.01 -10.83
C SER B 96 -2.54 0.57 -11.81
N LEU B 97 -2.17 -0.23 -12.80
CA LEU B 97 -3.12 -0.81 -13.71
C LEU B 97 -3.79 -2.07 -13.11
N SER B 98 -3.01 -2.95 -12.51
CA SER B 98 -3.56 -4.15 -11.88
C SER B 98 -2.58 -4.71 -10.87
N LYS B 99 -2.92 -4.59 -9.59
CA LYS B 99 -2.05 -5.14 -8.55
C LYS B 99 -1.85 -6.64 -8.72
N SER B 100 -2.92 -7.36 -9.01
CA SER B 100 -2.84 -8.81 -9.13
C SER B 100 -2.03 -9.24 -10.34
N GLU B 101 -2.09 -8.49 -11.43
CA GLU B 101 -1.33 -8.86 -12.59
C GLU B 101 0.18 -8.65 -12.41
N TRP B 102 0.59 -7.64 -11.64
CA TRP B 102 1.99 -7.14 -11.69
C TRP B 102 2.79 -7.36 -10.41
N SER B 103 2.11 -7.74 -9.33
CA SER B 103 2.80 -7.87 -8.02
C SER B 103 3.90 -8.90 -8.00
N ASP B 104 3.63 -10.08 -8.54
CA ASP B 104 4.66 -11.13 -8.60
C ASP B 104 5.83 -10.73 -9.51
N ALA B 105 5.54 -10.10 -10.65
CA ALA B 105 6.59 -9.68 -11.57
C ALA B 105 7.50 -8.67 -10.88
N LEU B 106 6.89 -7.75 -10.16
CA LEU B 106 7.67 -6.76 -9.42
C LEU B 106 8.56 -7.46 -8.38
N MSE B 107 8.00 -8.39 -7.62
CA MSE B 107 8.77 -9.08 -6.58
CA MSE B 107 8.76 -9.10 -6.58
C MSE B 107 9.89 -9.86 -7.20
O MSE B 107 11.02 -9.86 -6.68
CB MSE B 107 7.87 -9.96 -5.71
CB MSE B 107 7.86 -10.05 -5.77
CG MSE B 107 8.67 -10.86 -4.77
CG MSE B 107 8.55 -10.50 -4.48
SE MSE B 107 9.76 -9.85 -3.47
SE MSE B 107 7.21 -11.36 -3.31
CE MSE B 107 8.31 -9.07 -2.43
CE MSE B 107 6.39 -9.76 -2.51
N ASN B 108 9.63 -10.56 -8.31
CA ASN B 108 10.69 -11.33 -8.96
C ASN B 108 11.82 -10.40 -9.47
N CYS B 109 11.45 -9.22 -9.91
CA CYS B 109 12.42 -8.21 -10.36
C CYS B 109 13.24 -7.73 -9.17
N PHE B 110 12.57 -7.43 -8.09
CA PHE B 110 13.25 -7.04 -6.83
C PHE B 110 14.26 -8.10 -6.39
N LEU B 111 13.86 -9.37 -6.46
CA LEU B 111 14.72 -10.47 -6.08
C LEU B 111 15.89 -10.62 -7.04
N ASN B 112 15.69 -10.28 -8.31
CA ASN B 112 16.82 -10.19 -9.25
C ASN B 112 17.79 -9.05 -8.87
N PHE B 113 17.24 -7.91 -8.46
CA PHE B 113 18.08 -6.80 -8.03
C PHE B 113 18.93 -7.22 -6.82
N ASP B 114 18.43 -8.13 -5.99
CA ASP B 114 19.25 -8.63 -4.88
C ASP B 114 20.57 -9.25 -5.36
N ASN B 115 20.60 -9.77 -6.57
CA ASN B 115 21.84 -10.29 -7.15
C ASN B 115 22.87 -9.20 -7.33
N TYR B 116 22.43 -7.95 -7.52
CA TYR B 116 23.30 -6.79 -7.71
C TYR B 116 23.65 -6.06 -6.42
N TRP B 117 22.98 -6.42 -5.33
CA TRP B 117 23.20 -5.74 -4.04
C TRP B 117 24.48 -6.22 -3.36
N HIS B 118 25.32 -5.27 -2.96
CA HIS B 118 26.48 -5.60 -2.12
C HIS B 118 26.20 -5.14 -0.70
N PRO B 119 26.19 -6.08 0.25
CA PRO B 119 25.80 -5.69 1.61
C PRO B 119 26.88 -4.93 2.40
N ASN B 120 28.11 -4.99 1.95
CA ASN B 120 29.20 -4.26 2.63
C ASN B 120 30.49 -4.33 1.85
N TYR B 121 30.79 -3.27 1.11
CA TYR B 121 32.09 -3.12 0.49
C TYR B 121 32.69 -1.85 1.04
N LYS B 122 33.88 -2.00 1.61
CA LYS B 122 34.61 -0.94 2.27
CA LYS B 122 34.59 -0.84 2.15
C LYS B 122 33.71 -0.07 3.11
N GLY B 123 32.83 -0.72 3.87
CA GLY B 123 32.07 -0.07 4.92
C GLY B 123 30.65 0.36 4.63
N ILE B 124 30.17 0.15 3.40
CA ILE B 124 28.80 0.59 3.08
C ILE B 124 28.17 -0.35 2.04
N ALA B 125 26.87 -0.55 2.20
CA ALA B 125 26.07 -1.35 1.29
C ALA B 125 25.61 -0.49 0.11
N GLY B 126 25.37 -1.15 -1.03
CA GLY B 126 24.83 -0.48 -2.19
C GLY B 126 24.84 -1.38 -3.39
N TYR B 127 24.05 -1.02 -4.40
CA TYR B 127 24.00 -1.81 -5.61
C TYR B 127 25.23 -1.63 -6.48
N ALA B 128 25.63 -2.71 -7.13
CA ALA B 128 26.68 -2.72 -8.12
C ALA B 128 26.10 -2.77 -9.53
N THR B 129 26.97 -2.46 -10.49
CA THR B 129 26.54 -2.36 -11.88
C THR B 129 26.29 -3.78 -12.45
N LEU B 130 26.98 -4.77 -11.90
CA LEU B 130 26.81 -6.16 -12.29
C LEU B 130 26.56 -7.01 -11.05
N PRO B 131 26.06 -8.25 -11.25
CA PRO B 131 25.83 -9.09 -10.09
C PRO B 131 27.08 -9.27 -9.24
N THR B 132 26.89 -9.34 -7.95
CA THR B 132 28.00 -9.33 -7.00
C THR B 132 27.58 -10.11 -5.75
N SER B 133 28.49 -10.24 -4.81
CA SER B 133 28.15 -10.84 -3.51
C SER B 133 29.13 -10.35 -2.47
N ALA B 134 28.86 -10.67 -1.22
CA ALA B 134 29.57 -10.08 -0.09
C ALA B 134 31.09 -10.31 -0.13
N GLU B 135 31.51 -11.37 -0.79
CA GLU B 135 32.93 -11.71 -0.85
C GLU B 135 33.67 -11.19 -2.07
N LYS B 136 32.98 -10.44 -2.94
CA LYS B 136 33.55 -9.97 -4.17
C LYS B 136 33.71 -8.46 -4.15
N VAL B 137 34.62 -7.94 -4.96
CA VAL B 137 34.81 -6.49 -5.09
C VAL B 137 33.81 -5.98 -6.16
N PRO B 138 32.91 -5.06 -5.78
CA PRO B 138 31.92 -4.57 -6.74
C PRO B 138 32.39 -3.30 -7.45
N ASP B 139 31.76 -3.01 -8.59
CA ASP B 139 31.94 -1.74 -9.31
C ASP B 139 30.65 -0.96 -9.12
N ARG B 140 30.68 0.05 -8.26
CA ARG B 140 29.46 0.77 -7.90
C ARG B 140 29.46 2.22 -8.35
N PHE B 141 28.25 2.70 -8.63
CA PHE B 141 28.02 4.01 -9.23
C PHE B 141 26.96 4.72 -8.42
N TYR B 142 27.22 5.99 -8.09
CA TYR B 142 26.29 6.75 -7.26
C TYR B 142 25.00 7.06 -8.02
N ASP B 143 25.09 7.26 -9.33
CA ASP B 143 23.88 7.49 -10.12
C ASP B 143 23.01 6.23 -10.20
N GLU B 144 23.60 5.08 -10.50
CA GLU B 144 22.82 3.81 -10.56
C GLU B 144 22.01 3.58 -9.30
N ASN B 145 22.63 3.87 -8.14
CA ASN B 145 21.94 3.72 -6.88
C ASN B 145 20.76 4.67 -6.71
N GLY B 146 20.89 5.89 -7.22
CA GLY B 146 19.77 6.80 -7.18
C GLY B 146 18.65 6.46 -8.12
N TRP B 147 18.99 6.10 -9.37
CA TRP B 147 17.96 5.60 -10.27
C TRP B 147 17.18 4.46 -9.64
N THR B 148 17.89 3.54 -8.97
CA THR B 148 17.25 2.39 -8.31
C THR B 148 16.41 2.84 -7.11
N ALA B 149 16.95 3.73 -6.28
CA ALA B 149 16.17 4.30 -5.15
C ALA B 149 14.83 4.88 -5.54
N ILE B 150 14.79 5.66 -6.62
CA ILE B 150 13.56 6.18 -7.15
C ILE B 150 12.56 5.04 -7.40
N GLY B 151 13.00 3.98 -8.12
CA GLY B 151 12.13 2.90 -8.46
C GLY B 151 11.65 2.17 -7.21
N LEU B 152 12.56 1.95 -6.27
CA LEU B 152 12.19 1.27 -5.02
C LEU B 152 11.24 2.10 -4.15
N CYS B 153 11.41 3.41 -4.12
CA CYS B 153 10.44 4.28 -3.47
C CYS B 153 9.08 4.10 -4.09
N ASP B 154 9.00 4.13 -5.42
CA ASP B 154 7.71 3.99 -6.08
C ASP B 154 7.12 2.58 -5.87
N ALA B 155 7.97 1.55 -5.84
CA ALA B 155 7.52 0.17 -5.57
C ALA B 155 6.93 0.06 -4.15
N TYR B 156 7.60 0.70 -3.19
CA TYR B 156 7.03 0.78 -1.84
C TYR B 156 5.69 1.52 -1.85
N LEU B 157 5.63 2.68 -2.46
CA LEU B 157 4.35 3.42 -2.50
C LEU B 157 3.22 2.59 -3.12
N ALA B 158 3.52 1.77 -4.11
CA ALA B 158 2.52 0.99 -4.80
C ALA B 158 2.05 -0.25 -4.01
N THR B 159 2.95 -0.82 -3.21
CA THR B 159 2.74 -2.15 -2.62
C THR B 159 2.80 -2.20 -1.08
N GLN B 160 3.47 -1.22 -0.48
CA GLN B 160 3.69 -1.11 0.96
C GLN B 160 4.55 -2.25 1.50
N ASN B 161 5.32 -2.87 0.60
CA ASN B 161 6.22 -3.91 0.99
C ASN B 161 7.46 -3.29 1.65
N ASN B 162 7.74 -3.67 2.91
CA ASN B 162 8.79 -2.98 3.66
CA ASN B 162 8.82 -3.09 3.71
C ASN B 162 10.19 -3.31 3.14
N SER B 163 10.38 -4.47 2.52
CA SER B 163 11.69 -4.82 1.97
CA SER B 163 11.70 -4.82 1.98
C SER B 163 12.08 -3.87 0.85
N TYR B 164 11.09 -3.44 0.06
CA TYR B 164 11.37 -2.47 -1.01
C TYR B 164 11.87 -1.13 -0.42
N LEU B 165 11.24 -0.68 0.68
CA LEU B 165 11.63 0.56 1.33
C LEU B 165 12.99 0.47 1.95
N GLU B 166 13.28 -0.65 2.59
CA GLU B 166 14.58 -0.86 3.18
C GLU B 166 15.71 -0.67 2.16
N LYS B 167 15.55 -1.28 1.00
CA LYS B 167 16.55 -1.13 -0.06
CA LYS B 167 16.52 -1.14 -0.07
C LYS B 167 16.52 0.25 -0.70
N ALA B 168 15.35 0.90 -0.77
CA ALA B 168 15.31 2.28 -1.25
C ALA B 168 16.17 3.16 -0.38
N LYS B 169 16.02 2.99 0.93
CA LYS B 169 16.81 3.75 1.89
C LYS B 169 18.28 3.47 1.79
N GLY B 170 18.63 2.19 1.63
CA GLY B 170 20.00 1.75 1.50
C GLY B 170 20.66 2.26 0.22
N ALA B 171 19.94 2.15 -0.89
CA ALA B 171 20.47 2.68 -2.18
C ALA B 171 20.69 4.19 -2.10
N LEU B 172 19.72 4.90 -1.56
CA LEU B 172 19.87 6.35 -1.43
C LEU B 172 21.01 6.68 -0.47
N ALA B 173 21.12 5.94 0.62
CA ALA B 173 22.27 6.19 1.53
C ALA B 173 23.59 6.02 0.82
N PHE B 174 23.65 5.05 -0.09
CA PHE B 174 24.84 4.90 -0.87
C PHE B 174 25.09 6.12 -1.76
N SER B 175 24.07 6.58 -2.49
CA SER B 175 24.21 7.78 -3.30
C SER B 175 24.69 8.98 -2.47
N LEU B 176 24.09 9.14 -1.30
CA LEU B 176 24.46 10.27 -0.40
C LEU B 176 25.84 10.16 0.14
N SER B 177 26.38 8.95 0.20
CA SER B 177 27.79 8.74 0.64
C SER B 177 28.78 9.23 -0.42
N GLY B 178 28.31 9.47 -1.65
CA GLY B 178 29.14 10.09 -2.70
C GLY B 178 29.24 11.60 -2.66
N GLU B 179 28.55 12.25 -1.71
CA GLU B 179 28.56 13.67 -1.54
C GLU B 179 29.66 14.05 -0.55
N ASP B 180 30.46 15.03 -0.91
CA ASP B 180 31.39 15.66 0.03
C ASP B 180 31.73 17.06 -0.46
N ASN B 181 32.64 17.75 0.24
CA ASN B 181 32.93 19.13 -0.12
C ASN B 181 34.05 19.36 -1.11
N VAL B 182 34.51 18.29 -1.76
CA VAL B 182 35.38 18.42 -2.92
C VAL B 182 34.54 19.13 -4.00
N LEU B 183 35.10 20.16 -4.63
CA LEU B 183 34.36 21.07 -5.51
C LEU B 183 33.26 21.88 -4.82
N GLY B 184 33.23 21.86 -3.49
CA GLY B 184 32.27 22.59 -2.70
C GLY B 184 30.94 21.88 -2.50
N GLY B 185 30.83 20.63 -2.95
CA GLY B 185 29.58 19.88 -2.90
C GLY B 185 29.48 18.92 -4.07
N GLY B 186 28.28 18.41 -4.27
CA GLY B 186 28.02 17.48 -5.38
C GLY B 186 28.48 16.07 -5.10
N ILE B 187 28.17 15.20 -6.06
CA ILE B 187 28.32 13.77 -5.89
C ILE B 187 29.12 13.19 -7.04
N TYR B 188 30.13 12.39 -6.70
CA TYR B 188 30.98 11.73 -7.67
C TYR B 188 30.19 10.81 -8.61
N PHE B 189 30.67 10.65 -9.82
CA PHE B 189 30.08 9.67 -10.74
C PHE B 189 30.09 8.26 -10.11
N GLN B 190 31.27 7.82 -9.66
CA GLN B 190 31.46 6.45 -9.24
C GLN B 190 32.37 6.30 -8.04
N GLU B 191 32.28 5.13 -7.44
CA GLU B 191 33.01 4.83 -6.20
C GLU B 191 34.49 4.56 -6.45
N THR B 192 34.79 3.89 -7.56
CA THR B 192 36.13 3.46 -7.93
C THR B 192 36.51 3.98 -9.31
N PHE B 193 37.09 5.18 -9.35
CA PHE B 193 37.52 5.71 -10.65
C PHE B 193 38.74 4.95 -11.14
N VAL B 194 38.72 4.54 -12.40
CA VAL B 194 39.88 3.86 -13.02
C VAL B 194 40.27 4.64 -14.27
N SER B 195 39.62 4.39 -15.39
CA SER B 195 39.96 5.10 -16.63
C SER B 195 39.25 6.45 -16.77
N LEU B 196 38.19 6.70 -16.00
CA LEU B 196 37.52 7.99 -16.10
C LEU B 196 38.15 8.97 -15.15
N PRO B 197 38.28 10.23 -15.58
CA PRO B 197 38.78 11.25 -14.68
C PRO B 197 37.80 11.44 -13.53
N VAL B 198 38.32 11.77 -12.37
CA VAL B 198 37.51 11.99 -11.18
C VAL B 198 36.61 13.21 -11.44
N GLN B 199 35.32 13.05 -11.19
CA GLN B 199 34.35 14.04 -11.61
C GLN B 199 33.08 13.91 -10.80
N LYS B 200 32.35 15.02 -10.70
CA LYS B 200 31.05 15.07 -10.07
C LYS B 200 30.02 15.46 -11.10
N ASN B 201 28.83 14.83 -11.05
CA ASN B 201 27.99 14.75 -12.22
C ASN B 201 26.56 15.18 -11.94
N THR B 202 25.98 15.90 -12.87
CA THR B 202 24.61 16.34 -12.73
C THR B 202 23.67 15.19 -12.48
N ILE B 203 23.81 14.09 -13.20
CA ILE B 203 22.83 13.03 -13.03
C ILE B 203 22.87 12.51 -11.59
N CYS B 204 24.07 12.44 -11.00
CA CYS B 204 24.17 12.01 -9.61
C CYS B 204 23.44 12.97 -8.68
N SER B 205 23.58 14.28 -8.92
CA SER B 205 22.81 15.26 -8.15
C SER B 205 21.34 14.99 -8.28
N ALA B 206 20.90 14.87 -9.55
CA ALA B 206 19.50 14.88 -9.87
C ALA B 206 18.77 13.64 -9.33
N VAL B 207 19.34 12.44 -9.51
CA VAL B 207 18.64 11.24 -9.05
C VAL B 207 18.68 11.19 -7.52
N THR B 208 19.72 11.75 -6.94
CA THR B 208 19.80 11.81 -5.47
C THR B 208 18.77 12.81 -4.90
N MSE B 209 18.63 13.96 -5.54
CA MSE B 209 17.60 14.93 -5.15
C MSE B 209 16.22 14.34 -5.25
O MSE B 209 15.39 14.47 -4.32
CB MSE B 209 17.69 16.19 -6.01
CG MSE B 209 18.90 17.02 -5.69
SE MSE B 209 19.36 18.31 -7.08
CE MSE B 209 17.61 19.09 -7.31
N LEU B 210 15.91 13.66 -6.36
CA LEU B 210 14.57 13.13 -6.54
C LEU B 210 14.30 12.04 -5.49
N SER B 211 15.28 11.16 -5.27
CA SER B 211 15.17 10.10 -4.28
C SER B 211 14.94 10.70 -2.89
N CYS B 212 15.73 11.69 -2.56
CA CYS B 212 15.56 12.42 -1.28
C CYS B 212 14.16 12.97 -1.13
N MSE B 213 13.61 13.57 -2.19
CA MSE B 213 12.28 14.15 -2.10
C MSE B 213 11.22 13.07 -1.94
O MSE B 213 10.24 13.23 -1.18
CB MSE B 213 11.99 15.07 -3.28
CG MSE B 213 12.91 16.28 -3.30
SE MSE B 213 12.87 17.31 -1.61
CE MSE B 213 10.97 17.66 -1.50
N LYS B 214 11.39 11.96 -2.63
CA LYS B 214 10.44 10.85 -2.45
C LYS B 214 10.50 10.27 -1.04
N LEU B 215 11.71 10.10 -0.50
CA LEU B 215 11.86 9.56 0.85
C LEU B 215 11.42 10.58 1.91
N TYR B 216 11.54 11.86 1.59
CA TYR B 216 11.04 12.89 2.47
C TYR B 216 9.52 12.78 2.58
N GLU B 217 8.86 12.56 1.46
CA GLU B 217 7.41 12.43 1.47
C GLU B 217 7.00 11.20 2.33
N ILE B 218 7.74 10.11 2.20
CA ILE B 218 7.42 8.86 2.88
C ILE B 218 7.74 8.96 4.38
N THR B 219 8.91 9.46 4.72
CA THR B 219 9.41 9.43 6.10
C THR B 219 9.15 10.69 6.91
N GLN B 220 8.92 11.80 6.23
CA GLN B 220 8.84 13.14 6.85
C GLN B 220 10.11 13.55 7.61
N ASP B 221 11.23 12.92 7.30
CA ASP B 221 12.49 13.22 7.93
C ASP B 221 13.10 14.39 7.15
N ARG B 222 13.14 15.56 7.78
CA ARG B 222 13.63 16.79 7.16
C ARG B 222 15.06 16.67 6.66
N GLN B 223 15.86 15.75 7.16
CA GLN B 223 17.22 15.58 6.65
C GLN B 223 17.26 15.28 5.12
N TYR B 224 16.27 14.55 4.62
CA TYR B 224 16.15 14.31 3.17
C TYR B 224 15.88 15.61 2.39
N LEU B 225 14.96 16.42 2.90
CA LEU B 225 14.64 17.70 2.29
C LEU B 225 15.87 18.59 2.31
N ASP B 226 16.56 18.66 3.46
CA ASP B 226 17.74 19.46 3.55
C ASP B 226 18.86 19.01 2.61
N ALA B 227 18.97 17.70 2.40
CA ALA B 227 19.95 17.17 1.48
C ALA B 227 19.62 17.60 0.04
N ALA B 228 18.36 17.51 -0.35
CA ALA B 228 17.95 17.88 -1.69
C ALA B 228 18.25 19.36 -1.93
N ILE B 229 17.95 20.19 -0.95
CA ILE B 229 18.21 21.62 -1.09
C ILE B 229 19.71 21.93 -1.22
N ARG B 230 20.53 21.30 -0.39
CA ARG B 230 21.97 21.53 -0.38
C ARG B 230 22.58 21.10 -1.73
N ILE B 231 22.16 19.92 -2.19
CA ILE B 231 22.67 19.39 -3.43
C ILE B 231 22.17 20.28 -4.59
N ASN B 232 20.92 20.71 -4.54
CA ASN B 232 20.37 21.56 -5.58
C ASN B 232 21.14 22.88 -5.67
N ASP B 233 21.39 23.47 -4.50
CA ASP B 233 22.14 24.75 -4.47
C ASP B 233 23.49 24.61 -5.15
N TRP B 234 24.22 23.52 -4.85
CA TRP B 234 25.50 23.27 -5.50
C TRP B 234 25.32 23.06 -7.00
N THR B 235 24.34 22.26 -7.37
CA THR B 235 24.17 21.91 -8.78
C THR B 235 23.82 23.13 -9.64
N VAL B 236 22.92 23.98 -9.13
CA VAL B 236 22.55 25.20 -9.84
C VAL B 236 23.73 26.16 -9.96
N GLU B 237 24.55 26.23 -8.92
CA GLU B 237 25.70 27.12 -8.93
C GLU B 237 26.80 26.63 -9.89
N ASN B 238 26.93 25.31 -10.06
CA ASN B 238 28.06 24.76 -10.82
C ASN B 238 27.76 24.19 -12.20
N LEU B 239 26.53 23.69 -12.42
CA LEU B 239 26.26 22.92 -13.61
C LEU B 239 25.04 23.39 -14.40
N LEU B 240 24.38 24.44 -13.93
CA LEU B 240 23.27 25.03 -14.68
C LEU B 240 23.77 26.16 -15.59
N ASP B 241 23.43 26.07 -16.87
CA ASP B 241 23.75 27.11 -17.86
C ASP B 241 22.63 28.15 -17.78
N LYS B 242 22.94 29.33 -17.24
CA LYS B 242 21.93 30.38 -17.11
C LYS B 242 21.43 30.97 -18.45
N SER B 243 22.16 30.73 -19.53
CA SER B 243 21.76 31.26 -20.84
C SER B 243 20.56 30.51 -21.45
N ASP B 244 20.38 29.23 -21.11
CA ASP B 244 19.25 28.47 -21.64
C ASP B 244 18.54 27.60 -20.62
N ASN B 245 18.95 27.70 -19.37
CA ASN B 245 18.43 26.87 -18.29
C ASN B 245 18.58 25.37 -18.49
N LEU B 246 19.55 24.97 -19.27
CA LEU B 246 19.85 23.54 -19.40
C LEU B 246 21.05 23.21 -18.53
N LEU B 247 21.28 21.90 -18.35
CA LEU B 247 22.31 21.42 -17.45
C LEU B 247 23.51 20.91 -18.20
N TRP B 248 24.69 21.34 -17.79
CA TRP B 248 25.91 20.74 -18.23
C TRP B 248 26.05 19.32 -17.63
N ASP B 249 27.02 18.54 -18.07
CA ASP B 249 27.09 17.13 -17.70
C ASP B 249 27.82 16.84 -16.38
N ALA B 250 28.96 17.48 -16.18
CA ALA B 250 29.84 17.13 -15.06
C ALA B 250 30.93 18.18 -14.88
N LYS B 251 31.53 18.15 -13.69
CA LYS B 251 32.63 19.04 -13.36
C LYS B 251 33.82 18.18 -12.90
N MSE B 252 34.99 18.41 -13.51
CA MSE B 252 36.19 17.62 -13.22
C MSE B 252 36.80 18.07 -11.89
O MSE B 252 36.87 19.26 -11.60
CB MSE B 252 37.26 17.79 -14.30
CG MSE B 252 36.79 17.51 -15.73
SE MSE B 252 36.15 15.67 -15.96
CE MSE B 252 34.24 16.04 -16.14
N VAL B 253 37.17 17.12 -11.07
CA VAL B 253 37.74 17.41 -9.77
C VAL B 253 39.17 17.97 -9.90
N ALA B 254 39.92 17.54 -10.89
CA ALA B 254 41.32 17.99 -11.00
C ALA B 254 41.45 19.49 -11.16
N ASP B 255 40.62 20.07 -12.02
CA ASP B 255 40.78 21.51 -12.35
C ASP B 255 39.48 22.31 -12.40
N GLY B 256 38.35 21.70 -12.08
CA GLY B 256 37.11 22.42 -12.08
C GLY B 256 36.53 22.64 -13.47
N SER B 257 37.13 22.05 -14.51
CA SER B 257 36.62 22.23 -15.87
C SER B 257 35.28 21.50 -16.01
N VAL B 258 34.40 22.06 -16.81
CA VAL B 258 33.04 21.53 -16.97
C VAL B 258 32.95 20.80 -18.29
N ASN B 259 32.41 19.58 -18.26
CA ASN B 259 31.91 18.96 -19.46
C ASN B 259 30.56 19.58 -19.81
N THR B 260 30.54 20.42 -20.87
CA THR B 260 29.35 21.19 -21.22
C THR B 260 28.39 20.47 -22.15
N GLN B 261 28.62 19.19 -22.42
CA GLN B 261 27.66 18.40 -23.20
C GLN B 261 26.32 18.44 -22.52
N LYS B 262 25.29 18.69 -23.29
CA LYS B 262 23.93 18.78 -22.76
C LYS B 262 23.15 17.58 -23.18
N TRP B 263 22.67 16.84 -22.18
CA TRP B 263 21.88 15.63 -22.36
C TRP B 263 20.51 15.82 -21.74
N SER B 264 19.50 15.27 -22.40
CA SER B 264 18.11 15.48 -21.97
C SER B 264 17.83 15.01 -20.53
N TYR B 265 18.43 13.90 -20.13
CA TYR B 265 18.13 13.34 -18.80
C TYR B 265 18.66 14.19 -17.64
N ASN B 266 19.72 14.95 -17.87
CA ASN B 266 20.22 15.89 -16.85
C ASN B 266 19.22 17.00 -16.57
N ALA B 267 18.58 17.50 -17.64
CA ALA B 267 17.46 18.41 -17.49
C ALA B 267 16.25 17.72 -16.88
N GLY B 268 15.86 16.59 -17.45
CA GLY B 268 14.64 15.90 -17.04
C GLY B 268 14.64 15.50 -15.58
N PHE B 269 15.71 14.90 -15.08
CA PHE B 269 15.70 14.55 -13.65
C PHE B 269 15.72 15.78 -12.73
N MSE B 270 16.34 16.88 -13.17
CA MSE B 270 16.31 18.12 -12.39
C MSE B 270 14.91 18.68 -12.40
O MSE B 270 14.41 19.09 -11.34
CB MSE B 270 17.34 19.12 -12.87
CG MSE B 270 18.79 18.70 -12.70
SE MSE B 270 19.29 18.51 -10.78
CE MSE B 270 19.22 20.42 -10.27
N ILE B 271 14.21 18.64 -13.53
CA ILE B 271 12.82 19.08 -13.57
C ILE B 271 11.93 18.30 -12.63
N ARG B 272 12.07 16.98 -12.63
CA ARG B 272 11.25 16.14 -11.74
C ARG B 272 11.54 16.48 -10.26
N SER B 273 12.82 16.68 -9.95
CA SER B 273 13.22 17.02 -8.59
C SER B 273 12.63 18.37 -8.19
N TRP B 274 12.78 19.37 -9.06
CA TRP B 274 12.27 20.71 -8.75
C TRP B 274 10.76 20.69 -8.55
N LEU B 275 10.05 19.88 -9.34
CA LEU B 275 8.59 19.77 -9.18
C LEU B 275 8.21 19.15 -7.82
N LYS B 276 9.01 18.21 -7.34
CA LYS B 276 8.77 17.67 -6.01
C LYS B 276 9.08 18.67 -4.93
N MSE B 277 10.12 19.46 -5.14
CA MSE B 277 10.52 20.49 -4.18
C MSE B 277 9.46 21.57 -4.13
O MSE B 277 9.18 22.13 -3.08
CB MSE B 277 11.89 21.04 -4.53
CG MSE B 277 12.95 19.91 -4.37
SE MSE B 277 14.69 20.36 -5.06
CE MSE B 277 15.40 21.27 -3.47
N TYR B 278 8.87 21.89 -5.28
CA TYR B 278 7.74 22.82 -5.31
C TYR B 278 6.56 22.29 -4.48
N GLN B 279 6.16 21.03 -4.70
CA GLN B 279 5.08 20.44 -3.92
CA GLN B 279 5.10 20.34 -3.94
C GLN B 279 5.39 20.43 -2.42
N ALA B 280 6.63 20.17 -2.04
CA ALA B 280 7.00 20.16 -0.61
C ALA B 280 7.07 21.55 0.01
N THR B 281 7.64 22.52 -0.70
CA THR B 281 7.93 23.82 -0.11
C THR B 281 6.91 24.92 -0.48
N LYS B 282 6.13 24.70 -1.53
CA LYS B 282 5.29 25.73 -2.14
C LYS B 282 6.05 26.98 -2.62
N ASP B 283 7.38 26.92 -2.66
CA ASP B 283 8.18 28.03 -3.15
C ASP B 283 8.16 28.05 -4.67
N GLU B 284 7.58 29.13 -5.23
CA GLU B 284 7.39 29.25 -6.67
C GLU B 284 8.68 29.25 -7.48
N LYS B 285 9.80 29.52 -6.85
CA LYS B 285 11.06 29.50 -7.56
C LYS B 285 11.35 28.12 -8.17
N TYR B 286 10.90 27.06 -7.51
CA TYR B 286 11.13 25.69 -8.02
C TYR B 286 10.27 25.44 -9.25
N LEU B 287 9.01 25.88 -9.21
CA LEU B 287 8.15 25.75 -10.38
C LEU B 287 8.66 26.58 -11.56
N SER B 288 9.07 27.82 -11.31
CA SER B 288 9.58 28.67 -12.39
C SER B 288 10.81 28.07 -13.03
N GLN B 289 11.71 27.54 -12.19
CA GLN B 289 12.92 26.91 -12.74
C GLN B 289 12.57 25.65 -13.54
N ALA B 290 11.70 24.80 -13.00
CA ALA B 290 11.26 23.63 -13.74
C ALA B 290 10.67 24.01 -15.11
N LYS B 291 9.78 24.99 -15.14
CA LYS B 291 9.17 25.40 -16.39
C LYS B 291 10.16 25.97 -17.41
N ALA B 292 11.15 26.71 -16.93
CA ALA B 292 12.14 27.30 -17.82
C ALA B 292 13.02 26.23 -18.44
N THR B 293 13.48 25.31 -17.58
CA THR B 293 14.29 24.20 -18.04
C THR B 293 13.50 23.28 -18.98
N LEU B 294 12.25 23.01 -18.66
CA LEU B 294 11.42 22.17 -19.52
C LEU B 294 11.17 22.80 -20.91
N ALA B 295 10.88 24.09 -20.93
CA ALA B 295 10.69 24.79 -22.21
C ALA B 295 11.92 24.71 -23.08
N SER B 296 13.08 24.93 -22.48
CA SER B 296 14.33 24.85 -23.21
C SER B 296 14.62 23.42 -23.66
N SER B 297 14.23 22.44 -22.85
CA SER B 297 14.40 21.04 -23.21
C SER B 297 13.52 20.68 -24.41
N GLU B 298 12.27 21.11 -24.39
CA GLU B 298 11.40 20.91 -25.55
C GLU B 298 12.02 21.56 -26.80
N ALA B 299 12.46 22.82 -26.69
CA ALA B 299 13.02 23.52 -27.85
C ALA B 299 14.23 22.81 -28.39
N LYS B 300 15.08 22.29 -27.50
CA LYS B 300 16.28 21.61 -27.94
C LYS B 300 16.02 20.22 -28.55
N TRP B 301 15.19 19.41 -27.87
CA TRP B 301 15.11 17.98 -28.15
C TRP B 301 13.82 17.46 -28.75
N TYR B 302 12.71 18.19 -28.63
CA TYR B 302 11.44 17.67 -29.02
C TYR B 302 10.90 18.31 -30.33
N ASN B 303 10.57 17.45 -31.29
CA ASN B 303 9.82 17.88 -32.47
C ASN B 303 8.36 17.61 -32.19
N SER B 304 7.61 18.66 -31.89
CA SER B 304 6.24 18.50 -31.47
C SER B 304 5.32 18.16 -32.63
N ILE B 305 5.83 18.27 -33.85
CA ILE B 305 5.00 18.00 -35.01
C ILE B 305 4.90 16.47 -35.22
N ASN B 306 6.02 15.77 -35.26
CA ASN B 306 5.98 14.31 -35.41
C ASN B 306 6.08 13.55 -34.10
N GLY B 307 6.54 14.21 -33.05
CA GLY B 307 6.66 13.55 -31.72
C GLY B 307 8.05 13.02 -31.41
N ALA B 308 9.03 13.20 -32.29
CA ALA B 308 10.37 12.69 -32.09
C ALA B 308 11.13 13.42 -31.00
N LEU B 309 11.92 12.65 -30.25
CA LEU B 309 12.82 13.16 -29.25
C LEU B 309 14.25 12.88 -29.68
N ASN B 310 15.02 13.94 -29.89
CA ASN B 310 16.32 13.85 -30.50
C ASN B 310 17.49 13.56 -29.52
N ASP B 311 17.39 12.41 -28.85
CA ASP B 311 18.40 11.97 -27.90
C ASP B 311 18.21 10.45 -27.74
N PRO B 312 19.16 9.80 -27.07
CA PRO B 312 18.95 8.40 -26.70
C PRO B 312 17.69 8.27 -25.89
N GLY B 313 16.92 7.23 -26.16
CA GLY B 313 15.66 6.98 -25.48
C GLY B 313 15.87 6.85 -23.96
N TYR B 314 16.93 6.17 -23.58
CA TYR B 314 17.22 5.96 -22.13
C TYR B 314 17.63 7.25 -21.42
N PHE B 315 17.77 8.36 -22.18
CA PHE B 315 17.80 9.70 -21.59
C PHE B 315 16.48 10.47 -21.78
N ALA B 316 15.94 10.45 -23.01
CA ALA B 316 14.87 11.38 -23.38
C ALA B 316 13.55 11.04 -22.75
N PHE B 317 13.38 9.77 -22.29
CA PHE B 317 12.17 9.39 -21.58
C PHE B 317 11.94 10.35 -20.41
N SER B 318 13.02 10.92 -19.86
CA SER B 318 12.88 11.78 -18.65
C SER B 318 12.08 13.06 -18.96
N ILE B 319 12.10 13.50 -20.22
CA ILE B 319 11.30 14.65 -20.65
CA ILE B 319 11.30 14.64 -20.63
C ILE B 319 9.84 14.26 -20.62
N ILE B 320 9.52 13.03 -21.06
CA ILE B 320 8.16 12.56 -21.04
C ILE B 320 7.65 12.42 -19.60
N ASP B 321 8.46 11.86 -18.72
CA ASP B 321 8.07 11.85 -17.34
C ASP B 321 7.91 13.25 -16.74
N SER B 322 8.72 14.21 -17.19
CA SER B 322 8.55 15.60 -16.76
C SER B 322 7.18 16.15 -17.18
N TRP B 323 6.74 15.82 -18.41
CA TRP B 323 5.40 16.21 -18.84
C TRP B 323 4.32 15.61 -18.00
N PHE B 324 4.42 14.31 -17.66
CA PHE B 324 3.43 13.69 -16.78
C PHE B 324 3.42 14.41 -15.39
N ASP B 325 4.60 14.74 -14.86
CA ASP B 325 4.67 15.48 -13.59
C ASP B 325 4.05 16.87 -13.70
N MSE B 326 4.20 17.52 -14.85
CA MSE B 326 3.60 18.84 -15.08
C MSE B 326 2.11 18.69 -15.08
O MSE B 326 1.41 19.48 -14.43
CB MSE B 326 4.02 19.50 -16.38
CG MSE B 326 5.37 20.15 -16.29
SE MSE B 326 5.42 21.59 -14.93
CE MSE B 326 3.87 22.67 -15.37
N TYR B 327 1.58 17.67 -15.73
CA TYR B 327 0.12 17.41 -15.63
C TYR B 327 -0.32 17.22 -14.18
N ASP B 328 0.43 16.43 -13.43
CA ASP B 328 0.12 16.18 -12.03
C ASP B 328 0.13 17.50 -11.25
N THR B 329 0.96 18.45 -11.68
CA THR B 329 1.14 19.73 -11.00
C THR B 329 0.03 20.72 -11.33
N ASP B 330 -0.30 20.89 -12.61
CA ASP B 330 -1.25 21.95 -13.00
C ASP B 330 -2.52 21.48 -13.70
N LYS B 331 -2.64 20.18 -13.93
CA LYS B 331 -3.79 19.57 -14.58
C LYS B 331 -4.09 20.09 -15.97
N ASN B 332 -3.11 20.72 -16.60
CA ASN B 332 -3.24 21.13 -17.99
C ASN B 332 -3.00 19.94 -18.90
N THR B 333 -4.04 19.61 -19.64
CA THR B 333 -4.07 18.43 -20.47
C THR B 333 -3.10 18.52 -21.69
N VAL B 334 -2.63 19.72 -22.03
CA VAL B 334 -1.62 19.91 -23.07
C VAL B 334 -0.34 19.11 -22.75
N TRP B 335 -0.02 18.93 -21.47
CA TRP B 335 1.19 18.16 -21.11
C TRP B 335 1.02 16.69 -21.51
N LEU B 336 -0.20 16.17 -21.37
CA LEU B 336 -0.48 14.81 -21.72
C LEU B 336 -0.50 14.63 -23.23
N THR B 337 -1.03 15.63 -23.95
CA THR B 337 -0.97 15.59 -25.40
C THR B 337 0.43 15.47 -25.94
N LYS B 338 1.37 16.19 -25.35
CA LYS B 338 2.76 16.03 -25.70
C LYS B 338 3.26 14.61 -25.40
N ALA B 339 3.01 14.12 -24.19
CA ALA B 339 3.49 12.79 -23.80
C ALA B 339 2.97 11.67 -24.73
N PHE B 340 1.66 11.66 -24.96
CA PHE B 340 1.05 10.64 -25.81
C PHE B 340 1.55 10.75 -27.25
N HIS B 341 1.75 11.98 -27.71
CA HIS B 341 2.31 12.18 -29.07
C HIS B 341 3.69 11.58 -29.21
N ALA B 342 4.54 11.80 -28.21
CA ALA B 342 5.89 11.24 -28.24
C ALA B 342 5.88 9.72 -28.13
N ILE B 343 5.02 9.19 -27.25
CA ILE B 343 4.94 7.74 -27.06
C ILE B 343 4.36 7.05 -28.32
N ASN B 344 3.38 7.68 -28.95
CA ASN B 344 2.88 7.22 -30.25
C ASN B 344 3.94 7.15 -31.31
N PHE B 345 4.84 8.13 -31.32
CA PHE B 345 5.96 8.10 -32.23
C PHE B 345 6.87 6.89 -31.98
N ILE B 346 7.15 6.61 -30.71
CA ILE B 346 8.01 5.48 -30.37
C ILE B 346 7.39 4.19 -30.99
N HIS B 347 6.11 3.99 -30.79
CA HIS B 347 5.45 2.77 -31.23
C HIS B 347 5.34 2.72 -32.75
N ASN B 348 4.90 3.83 -33.30
CA ASN B 348 4.52 3.86 -34.73
C ASN B 348 5.65 4.12 -35.68
N LYS B 349 6.74 4.73 -35.22
CA LYS B 349 7.89 5.02 -36.06
C LYS B 349 9.20 4.38 -35.65
N LEU B 350 9.39 4.07 -34.36
CA LEU B 350 10.67 3.51 -33.94
C LEU B 350 10.70 1.98 -33.86
N ARG B 351 9.58 1.38 -33.52
CA ARG B 351 9.53 -0.07 -33.40
C ARG B 351 9.89 -0.71 -34.75
N ASP B 352 10.76 -1.70 -34.76
CA ASP B 352 11.12 -2.36 -36.03
C ASP B 352 10.23 -3.57 -36.32
N GLY B 353 10.46 -4.23 -37.45
CA GLY B 353 9.64 -5.39 -37.85
C GLY B 353 9.71 -6.61 -36.93
N ASN B 354 10.76 -6.67 -36.09
CA ASN B 354 10.94 -7.70 -35.05
C ASN B 354 10.49 -7.25 -33.64
N GLY B 355 9.81 -6.11 -33.55
CA GLY B 355 9.34 -5.60 -32.25
C GLY B 355 10.48 -5.06 -31.37
N ARG B 356 11.60 -4.70 -31.97
CA ARG B 356 12.73 -4.13 -31.23
C ARG B 356 12.82 -2.61 -31.43
N TYR B 357 13.63 -1.97 -30.58
CA TYR B 357 13.70 -0.52 -30.47
C TYR B 357 15.13 -0.03 -30.60
N PRO B 358 15.32 1.09 -31.29
CA PRO B 358 16.65 1.65 -31.48
C PRO B 358 17.13 2.41 -30.24
N GLU B 359 18.41 2.66 -30.20
CA GLU B 359 19.03 3.44 -29.14
C GLU B 359 18.49 4.87 -29.08
N HIS B 360 18.37 5.51 -30.26
CA HIS B 360 18.05 6.95 -30.36
CA HIS B 360 18.04 6.94 -30.31
C HIS B 360 16.60 7.13 -30.77
N TRP B 361 15.92 8.13 -30.23
CA TRP B 361 14.53 8.36 -30.53
C TRP B 361 14.27 9.45 -31.62
N GLY B 362 15.31 9.89 -32.29
CA GLY B 362 15.21 11.09 -33.12
C GLY B 362 14.67 10.85 -34.52
N THR B 363 14.83 9.63 -35.06
CA THR B 363 14.50 9.36 -36.48
CA THR B 363 14.46 9.38 -36.46
C THR B 363 13.76 8.05 -36.67
N PRO B 364 12.74 8.02 -37.55
CA PRO B 364 12.06 6.75 -37.77
C PRO B 364 12.97 5.64 -38.20
N THR B 365 12.62 4.43 -37.77
CA THR B 365 13.39 3.24 -38.05
C THR B 365 13.04 2.76 -39.47
N THR B 366 14.05 2.50 -40.29
CA THR B 366 13.80 2.09 -41.69
C THR B 366 14.29 0.70 -42.05
N SER B 367 15.06 0.07 -41.16
CA SER B 367 15.43 -1.32 -41.35
C SER B 367 15.57 -1.98 -39.99
N ASN B 368 15.47 -3.30 -39.99
CA ASN B 368 15.50 -4.03 -38.73
C ASN B 368 16.84 -3.98 -38.05
N LEU B 369 16.81 -3.87 -36.73
CA LEU B 369 18.01 -3.75 -35.93
C LEU B 369 18.74 -5.08 -35.82
N GLU B 370 20.07 -5.04 -35.91
CA GLU B 370 20.88 -6.22 -35.72
C GLU B 370 21.49 -6.26 -34.33
N LYS B 371 21.70 -5.08 -33.73
CA LYS B 371 22.26 -5.01 -32.40
C LYS B 371 21.26 -4.31 -31.49
N TYR B 372 21.25 -4.68 -30.23
CA TYR B 372 20.36 -4.08 -29.26
C TYR B 372 20.89 -4.40 -27.87
N ASP B 373 20.72 -3.47 -26.92
CA ASP B 373 20.97 -3.70 -25.51
CA ASP B 373 20.96 -3.80 -25.53
C ASP B 373 19.66 -3.68 -24.73
N LEU B 374 19.69 -4.23 -23.53
CA LEU B 374 18.51 -4.31 -22.69
C LEU B 374 17.81 -2.95 -22.49
N ARG B 375 18.55 -1.87 -22.39
N ARG B 375 18.59 -1.87 -22.39
CA ARG B 375 17.87 -0.63 -22.03
CA ARG B 375 18.02 -0.53 -22.13
C ARG B 375 17.05 -0.05 -23.21
C ARG B 375 17.04 -0.09 -23.20
N PHE B 376 17.34 -0.45 -24.45
CA PHE B 376 16.65 0.15 -25.59
C PHE B 376 15.14 -0.16 -25.59
N SER B 377 14.78 -1.42 -25.34
CA SER B 377 13.39 -1.77 -25.32
C SER B 377 12.73 -1.63 -23.94
N THR B 378 13.50 -1.76 -22.88
CA THR B 378 12.90 -1.63 -21.55
C THR B 378 12.38 -0.22 -21.30
N VAL B 379 13.09 0.80 -21.78
CA VAL B 379 12.60 2.20 -21.65
C VAL B 379 11.30 2.37 -22.44
N ALA B 380 11.20 1.72 -23.60
CA ALA B 380 9.93 1.79 -24.33
C ALA B 380 8.79 1.12 -23.60
N ALA B 381 9.02 -0.06 -23.03
CA ALA B 381 8.02 -0.75 -22.23
C ALA B 381 7.52 0.16 -21.09
N TYR B 382 8.47 0.83 -20.44
CA TYR B 382 8.15 1.74 -19.33
C TYR B 382 7.21 2.87 -19.79
N MSE B 383 7.56 3.49 -20.91
CA MSE B 383 6.74 4.57 -21.53
C MSE B 383 5.35 4.07 -21.84
O MSE B 383 4.37 4.76 -21.50
CB MSE B 383 7.41 5.12 -22.80
CG MSE B 383 8.69 5.89 -22.55
SE MSE B 383 8.32 7.54 -21.52
CE MSE B 383 8.63 6.90 -19.70
N TYR B 384 5.22 2.87 -22.39
CA TYR B 384 3.89 2.31 -22.65
C TYR B 384 3.07 2.11 -21.38
N MSE B 385 3.70 1.63 -20.32
CA MSE B 385 2.98 1.42 -19.07
C MSE B 385 2.54 2.76 -18.48
O MSE B 385 1.42 2.88 -18.00
CB MSE B 385 3.79 0.60 -18.07
CG MSE B 385 2.98 0.18 -16.85
SE MSE B 385 1.63 -1.16 -17.38
CE MSE B 385 2.75 -2.76 -17.24
N ARG B 386 3.40 3.77 -18.55
CA ARG B 386 3.05 5.15 -18.09
C ARG B 386 1.86 5.70 -18.88
N ALA B 387 1.93 5.56 -20.19
CA ALA B 387 0.82 5.96 -21.06
C ALA B 387 -0.47 5.22 -20.69
N ALA B 388 -0.38 3.92 -20.45
CA ALA B 388 -1.56 3.12 -20.08
C ALA B 388 -2.17 3.66 -18.80
N ASN B 389 -1.32 3.99 -17.85
CA ASN B 389 -1.78 4.54 -16.57
C ASN B 389 -2.51 5.86 -16.75
N TYR B 390 -1.93 6.78 -17.51
CA TYR B 390 -2.58 8.09 -17.73
C TYR B 390 -3.84 7.98 -18.60
N LYS B 391 -3.87 7.05 -19.55
CA LYS B 391 -5.12 6.79 -20.29
C LYS B 391 -6.21 6.34 -19.31
N ARG B 392 -5.85 5.48 -18.36
CA ARG B 392 -6.78 4.99 -17.32
C ARG B 392 -7.27 6.16 -16.46
N ILE B 393 -6.34 6.99 -16.04
CA ILE B 393 -6.65 8.19 -15.27
C ILE B 393 -7.62 9.12 -16.01
N LEU B 394 -7.40 9.33 -17.30
CA LEU B 394 -8.28 10.19 -18.07
C LEU B 394 -9.67 9.61 -18.25
N ASN B 395 -9.78 8.29 -18.32
CA ASN B 395 -11.08 7.66 -18.55
C ASN B 395 -11.85 7.27 -17.28
N ASP B 396 -11.27 7.51 -16.11
CA ASP B 396 -11.88 7.09 -14.82
C ASP B 396 -13.23 7.75 -14.58
O1 SRT C . -19.71 -1.40 -9.63
O11 SRT C . -17.82 -0.27 -9.73
C1 SRT C . -18.47 -1.35 -9.79
C2 SRT C . -17.77 -2.66 -10.04
O2 SRT C . -17.94 -3.10 -11.38
C3 SRT C . -16.29 -2.62 -9.67
O3 SRT C . -16.25 -3.13 -8.34
C4 SRT C . -15.42 -3.42 -10.61
O4 SRT C . -14.79 -4.43 -10.19
O41 SRT C . -15.32 -3.04 -11.80
O1 SRT D . -38.01 -3.31 8.66
O11 SRT D . -39.79 -2.04 8.48
C1 SRT D . -39.24 -3.16 8.64
C2 SRT D . -40.00 -4.45 8.75
O2 SRT D . -39.98 -4.96 10.09
C3 SRT D . -41.39 -4.41 8.10
O3 SRT D . -41.22 -4.94 6.77
C4 SRT D . -42.41 -5.20 8.89
O4 SRT D . -43.16 -4.58 9.70
O41 SRT D . -42.47 -6.43 8.70
C1 EDO E . -1.26 -23.14 18.02
O1 EDO E . -0.37 -23.81 18.92
C2 EDO E . -2.13 -22.12 18.70
O2 EDO E . -1.40 -21.60 19.77
C1 EDO F . -35.65 8.40 15.07
O1 EDO F . -35.80 8.08 13.72
C2 EDO F . -36.88 9.06 15.66
O2 EDO F . -37.99 8.17 15.55
O1 SRT G . -6.56 -5.99 -10.80
O11 SRT G . -5.73 -6.37 -8.85
C1 SRT G . -6.35 -5.61 -9.63
C2 SRT G . -6.82 -4.20 -9.28
O2 SRT G . -8.23 -4.15 -9.13
C3 SRT G . -6.15 -3.53 -8.06
O3 SRT G . -5.04 -2.87 -8.68
C4 SRT G . -6.97 -2.47 -7.35
O4 SRT G . -7.49 -2.65 -6.21
O41 SRT G . -7.10 -1.38 -7.93
#